data_1BDM
#
_entry.id   1BDM
#
_cell.length_a   71.750
_cell.length_b   88.640
_cell.length_c   118.970
_cell.angle_alpha   90.00
_cell.angle_beta   90.00
_cell.angle_gamma   90.00
#
_symmetry.space_group_name_H-M   'P 21 21 21'
#
loop_
_entity.id
_entity.type
_entity.pdbx_description
1 polymer 'MALATE DEHYDROGENASE'
2 non-polymer 'BETA-6-HYDROXY-1,4,5,6-TETRHYDRONICOTINAMIDE ADENINE DINUCLEOTIDE'
3 water water
#
_entity_poly.entity_id   1
_entity_poly.type   'polypeptide(L)'
_entity_poly.pdbx_seq_one_letter_code
;MKAPVRVAVTGAAGQIGYSLLFRIAAGEMLGKDQPVILQLLEIPQAMKALEGVVMELEDCAFPLLAGLEATDDPDVAFKD
ADYALLVGAAPRKAGMERRDLLQVNGKIFTEQGRALAEVAKKDVKVLVVGNPANTNALIAYKNAPGLNPRNFTAMTRLDH
NRAKAQLAKKTGTGVDRIRRMTVWGNHSSIMFPDLFHAEVDGRPALELVDMEWYEKVFIPTVAQRGAAIIQARGASSAAS
AANAAIEHIRDWALGTPEGDWVSMAVPSQGEYGIPEGIVYSFPVTAKDGAYRVVEGLEINEFARKRMEITAQELLDEMEQ
VKALGLI
;
_entity_poly.pdbx_strand_id   A,B
#
# COMPACT_ATOMS: atom_id res chain seq x y z
N MET A 1 20.58 11.21 8.45
CA MET A 1 19.72 10.83 7.35
C MET A 1 20.28 11.44 6.10
N LYS A 2 19.97 10.80 5.04
CA LYS A 2 20.38 11.46 3.84
C LYS A 2 19.60 12.76 3.57
N ALA A 3 20.05 13.46 2.57
CA ALA A 3 19.28 14.64 2.20
C ALA A 3 18.11 14.12 1.36
N PRO A 4 17.04 14.82 1.34
CA PRO A 4 15.87 14.35 0.63
C PRO A 4 16.16 14.22 -0.85
N VAL A 5 15.51 13.23 -1.49
CA VAL A 5 15.43 13.07 -2.94
C VAL A 5 14.04 13.49 -3.41
N ARG A 6 13.98 14.09 -4.60
CA ARG A 6 12.70 14.52 -5.15
C ARG A 6 12.24 13.42 -6.07
N VAL A 7 11.03 12.92 -5.88
CA VAL A 7 10.58 11.83 -6.72
C VAL A 7 9.38 12.36 -7.48
N ALA A 8 9.42 12.43 -8.80
CA ALA A 8 8.22 12.93 -9.48
C ALA A 8 7.39 11.75 -9.94
N VAL A 9 6.06 11.84 -9.86
CA VAL A 9 5.26 10.69 -10.30
C VAL A 9 4.12 11.27 -11.13
N THR A 10 3.96 10.78 -12.37
CA THR A 10 2.84 11.29 -13.18
C THR A 10 1.66 10.34 -13.04
N GLY A 11 0.44 10.72 -13.46
CA GLY A 11 -0.69 9.79 -13.37
C GLY A 11 -1.06 9.42 -11.90
N ALA A 12 -0.69 10.37 -11.04
CA ALA A 12 -0.76 10.23 -9.59
C ALA A 12 -2.14 10.05 -9.02
N ALA A 13 -3.17 10.46 -9.74
CA ALA A 13 -4.48 10.28 -9.20
C ALA A 13 -5.14 9.03 -9.74
N GLY A 14 -4.43 8.23 -10.54
CA GLY A 14 -4.98 6.97 -11.01
C GLY A 14 -4.81 5.76 -10.11
N GLN A 15 -5.13 4.58 -10.66
CA GLN A 15 -5.19 3.35 -9.90
C GLN A 15 -3.82 2.91 -9.41
N ILE A 16 -2.84 2.87 -10.32
CA ILE A 16 -1.47 2.50 -9.91
C ILE A 16 -0.97 3.53 -8.91
N GLY A 17 -1.20 4.80 -9.20
CA GLY A 17 -0.76 5.89 -8.38
C GLY A 17 -1.26 5.71 -6.98
N TYR A 18 -2.52 5.39 -6.85
CA TYR A 18 -3.06 5.21 -5.48
C TYR A 18 -2.41 4.06 -4.72
N SER A 19 -1.94 3.00 -5.36
CA SER A 19 -1.30 1.90 -4.62
C SER A 19 0.20 2.13 -4.51
N LEU A 20 0.73 3.16 -5.19
CA LEU A 20 2.18 3.37 -5.31
C LEU A 20 2.69 4.36 -4.26
N LEU A 21 1.97 5.46 -4.13
CA LEU A 21 2.46 6.61 -3.44
C LEU A 21 2.67 6.33 -1.98
N PHE A 22 1.76 5.65 -1.33
CA PHE A 22 1.92 5.49 0.13
C PHE A 22 3.12 4.55 0.45
N ARG A 23 3.37 3.54 -0.36
CA ARG A 23 4.55 2.72 -0.13
C ARG A 23 5.86 3.47 -0.37
N ILE A 24 5.89 4.40 -1.33
CA ILE A 24 7.06 5.21 -1.53
C ILE A 24 7.32 6.11 -0.32
N ALA A 25 6.28 6.78 0.11
CA ALA A 25 6.38 7.67 1.24
C ALA A 25 6.73 6.95 2.57
N ALA A 26 6.48 5.69 2.66
CA ALA A 26 6.74 4.88 3.81
C ALA A 26 8.19 4.45 3.81
N GLY A 27 8.97 4.74 2.77
CA GLY A 27 10.39 4.35 2.70
C GLY A 27 10.67 2.98 2.10
N GLU A 28 9.69 2.41 1.37
CA GLU A 28 9.84 1.08 0.74
C GLU A 28 10.63 1.10 -0.56
N MET A 29 10.75 2.27 -1.18
CA MET A 29 11.38 2.26 -2.47
C MET A 29 12.88 2.52 -2.33
N LEU A 30 13.25 3.54 -1.58
CA LEU A 30 14.66 3.97 -1.47
C LEU A 30 15.27 3.70 -0.09
N GLY A 31 14.48 3.17 0.80
CA GLY A 31 14.99 2.87 2.13
C GLY A 31 14.45 3.74 3.23
N LYS A 32 14.55 3.15 4.40
CA LYS A 32 13.98 3.76 5.56
C LYS A 32 14.79 4.92 6.06
N ASP A 33 15.97 5.24 5.52
CA ASP A 33 16.69 6.41 6.03
C ASP A 33 16.76 7.48 4.97
N GLN A 34 15.98 7.27 3.90
CA GLN A 34 16.05 8.25 2.82
C GLN A 34 14.76 9.04 2.75
N PRO A 35 14.71 10.25 3.21
CA PRO A 35 13.47 11.01 3.10
C PRO A 35 13.22 11.42 1.64
N VAL A 36 11.96 11.62 1.30
CA VAL A 36 11.56 11.80 -0.10
C VAL A 36 10.66 12.99 -0.20
N ILE A 37 10.80 13.67 -1.34
CA ILE A 37 9.93 14.79 -1.63
C ILE A 37 9.06 14.33 -2.79
N LEU A 38 7.74 14.25 -2.63
CA LEU A 38 6.88 13.82 -3.73
C LEU A 38 6.32 15.02 -4.50
N GLN A 39 6.58 14.96 -5.82
CA GLN A 39 6.18 15.94 -6.85
C GLN A 39 5.28 15.24 -7.84
N LEU A 40 4.00 15.50 -7.61
CA LEU A 40 2.95 14.78 -8.34
C LEU A 40 2.30 15.57 -9.50
N LEU A 41 2.16 14.88 -10.65
CA LEU A 41 1.69 15.56 -11.86
C LEU A 41 0.42 14.90 -12.32
N GLU A 42 -0.65 15.65 -12.59
CA GLU A 42 -1.86 15.08 -13.16
C GLU A 42 -2.34 15.97 -14.34
N ILE A 43 -3.36 15.55 -15.09
CA ILE A 43 -3.97 16.44 -16.04
C ILE A 43 -4.95 17.38 -15.31
N PRO A 44 -5.25 18.58 -15.81
CA PRO A 44 -6.02 19.50 -15.03
C PRO A 44 -7.38 18.96 -14.65
N GLN A 45 -7.91 18.04 -15.41
CA GLN A 45 -9.21 17.56 -14.98
C GLN A 45 -9.21 16.55 -13.83
N ALA A 46 -8.02 16.10 -13.40
CA ALA A 46 -7.90 15.15 -12.29
C ALA A 46 -7.23 15.79 -11.08
N MET A 47 -7.08 17.10 -11.16
CA MET A 47 -6.52 17.87 -10.09
C MET A 47 -7.30 17.83 -8.82
N LYS A 48 -8.62 17.90 -8.89
CA LYS A 48 -9.41 17.74 -7.69
C LYS A 48 -9.19 16.39 -6.98
N ALA A 49 -9.22 15.32 -7.74
CA ALA A 49 -8.97 14.01 -7.19
C ALA A 49 -7.57 14.02 -6.58
N LEU A 50 -6.63 14.57 -7.30
CA LEU A 50 -5.26 14.63 -6.84
C LEU A 50 -5.16 15.32 -5.49
N GLU A 51 -5.90 16.39 -5.27
CA GLU A 51 -5.81 17.06 -3.98
C GLU A 51 -6.32 16.09 -2.90
N GLY A 52 -7.22 15.19 -3.27
CA GLY A 52 -7.74 14.23 -2.29
C GLY A 52 -6.65 13.23 -1.83
N VAL A 53 -5.79 12.79 -2.77
CA VAL A 53 -4.67 11.88 -2.60
C VAL A 53 -3.64 12.59 -1.73
N VAL A 54 -3.39 13.86 -1.98
CA VAL A 54 -2.50 14.63 -1.18
C VAL A 54 -2.97 14.65 0.28
N MET A 55 -4.25 14.89 0.45
CA MET A 55 -4.82 14.86 1.79
C MET A 55 -4.59 13.51 2.46
N GLU A 56 -4.83 12.43 1.76
CA GLU A 56 -4.60 11.12 2.38
C GLU A 56 -3.12 10.92 2.73
N LEU A 57 -2.20 11.40 1.95
CA LEU A 57 -0.77 11.20 2.27
C LEU A 57 -0.47 12.00 3.54
N GLU A 58 -1.06 13.16 3.71
CA GLU A 58 -0.79 13.95 4.87
C GLU A 58 -1.26 13.20 6.09
N ASP A 59 -2.39 12.54 5.90
CA ASP A 59 -3.06 11.86 6.99
C ASP A 59 -2.42 10.55 7.44
N CYS A 60 -1.30 10.15 6.77
CA CYS A 60 -0.53 8.96 7.13
C CYS A 60 0.53 9.37 8.14
N ALA A 61 0.84 10.67 8.24
CA ALA A 61 1.84 11.20 9.14
C ALA A 61 3.13 10.45 8.99
N PHE A 62 3.64 10.41 7.75
CA PHE A 62 4.82 9.65 7.41
C PHE A 62 6.06 10.45 7.81
N PRO A 63 6.99 9.90 8.60
CA PRO A 63 8.12 10.69 8.97
C PRO A 63 9.03 10.95 7.75
N LEU A 64 9.12 10.10 6.74
CA LEU A 64 10.07 10.39 5.67
C LEU A 64 9.52 11.26 4.58
N LEU A 65 8.29 11.74 4.70
CA LEU A 65 7.72 12.56 3.63
C LEU A 65 8.11 13.98 3.86
N ALA A 66 9.24 14.42 3.26
CA ALA A 66 9.84 15.73 3.58
C ALA A 66 9.18 16.86 2.82
N GLY A 67 8.33 16.56 1.85
CA GLY A 67 7.60 17.59 1.14
C GLY A 67 6.63 16.95 0.15
N LEU A 68 5.63 17.67 -0.30
CA LEU A 68 4.66 17.06 -1.19
C LEU A 68 4.16 18.17 -2.06
N GLU A 69 4.16 18.02 -3.36
CA GLU A 69 3.56 19.06 -4.16
C GLU A 69 2.78 18.49 -5.32
N ALA A 70 1.64 19.07 -5.63
CA ALA A 70 0.83 18.51 -6.68
C ALA A 70 0.72 19.53 -7.81
N THR A 71 0.86 19.12 -9.07
CA THR A 71 0.77 20.18 -10.09
C THR A 71 0.21 19.67 -11.39
N ASP A 72 -0.21 20.57 -12.31
CA ASP A 72 -0.63 20.09 -13.63
C ASP A 72 0.39 20.53 -14.67
N ASP A 73 1.49 21.12 -14.20
CA ASP A 73 2.60 21.59 -15.05
C ASP A 73 3.85 20.74 -15.03
N PRO A 74 4.20 20.01 -16.08
CA PRO A 74 5.41 19.20 -16.08
C PRO A 74 6.70 19.88 -15.64
N ASP A 75 6.78 21.18 -15.89
CA ASP A 75 8.01 21.86 -15.54
C ASP A 75 8.10 22.09 -14.06
N VAL A 76 6.94 22.19 -13.36
CA VAL A 76 6.93 22.23 -11.91
C VAL A 76 7.20 20.83 -11.30
N ALA A 77 6.50 19.81 -11.78
CA ALA A 77 6.64 18.49 -11.24
C ALA A 77 8.02 17.96 -11.31
N PHE A 78 8.72 18.18 -12.44
CA PHE A 78 9.99 17.54 -12.72
C PHE A 78 11.21 18.34 -12.25
N LYS A 79 10.90 19.42 -11.60
CA LYS A 79 12.01 20.28 -11.21
C LYS A 79 12.94 19.68 -10.18
N ASP A 80 14.23 19.71 -10.49
CA ASP A 80 15.24 19.10 -9.64
C ASP A 80 14.94 17.67 -9.28
N ALA A 81 14.14 17.01 -10.10
CA ALA A 81 13.86 15.63 -9.85
C ALA A 81 15.08 14.74 -9.94
N ASP A 82 15.11 13.80 -9.03
CA ASP A 82 16.13 12.80 -8.97
C ASP A 82 15.59 11.51 -9.54
N TYR A 83 14.25 11.28 -9.44
CA TYR A 83 13.68 10.06 -10.00
C TYR A 83 12.35 10.48 -10.61
N ALA A 84 11.95 9.85 -11.75
CA ALA A 84 10.66 10.20 -12.32
C ALA A 84 10.01 8.93 -12.80
N LEU A 85 8.78 8.73 -12.31
CA LEU A 85 7.99 7.51 -12.56
C LEU A 85 6.90 7.95 -13.51
N LEU A 86 6.98 7.60 -14.80
CA LEU A 86 6.02 8.14 -15.74
C LEU A 86 4.90 7.11 -15.90
N VAL A 87 3.83 7.31 -15.14
CA VAL A 87 2.74 6.33 -15.11
C VAL A 87 1.59 6.76 -16.03
N GLY A 88 1.34 8.04 -16.13
CA GLY A 88 0.20 8.44 -16.92
C GLY A 88 0.50 8.30 -18.43
N ALA A 89 -0.50 7.84 -19.16
CA ALA A 89 -0.40 7.74 -20.60
C ALA A 89 -1.78 7.96 -21.21
N ALA A 90 -1.84 7.90 -22.55
CA ALA A 90 -3.11 8.15 -23.21
C ALA A 90 -4.06 7.00 -22.95
N PRO A 91 -5.22 7.41 -22.45
CA PRO A 91 -6.31 6.47 -22.29
C PRO A 91 -6.44 5.92 -23.70
N ARG A 92 -7.75 3.83 -23.63
N LEU A 102 -0.66 6.15 -30.52
CA LEU A 102 0.64 6.62 -31.02
C LEU A 102 0.76 8.14 -31.09
N GLN A 103 -0.15 8.87 -31.77
CA GLN A 103 0.00 10.31 -31.80
C GLN A 103 -0.16 10.89 -30.41
N VAL A 104 -1.25 10.48 -29.76
CA VAL A 104 -1.61 11.04 -28.48
C VAL A 104 -0.54 10.75 -27.45
N ASN A 105 -0.12 9.50 -27.31
CA ASN A 105 1.04 9.20 -26.47
C ASN A 105 2.26 10.03 -26.86
N GLY A 106 2.56 10.07 -28.17
CA GLY A 106 3.69 10.87 -28.67
C GLY A 106 3.70 12.30 -28.14
N LYS A 107 2.54 12.95 -28.05
CA LYS A 107 2.62 14.31 -27.58
C LYS A 107 3.05 14.32 -26.12
N ILE A 108 2.56 13.32 -25.41
CA ILE A 108 2.70 13.28 -23.95
C ILE A 108 4.15 13.17 -23.61
N PHE A 109 4.74 12.13 -24.19
CA PHE A 109 6.12 11.77 -23.99
C PHE A 109 7.16 12.76 -24.53
N THR A 110 6.88 13.46 -25.65
CA THR A 110 7.80 14.49 -26.07
C THR A 110 7.76 15.65 -25.10
N GLU A 111 6.56 16.09 -24.71
CA GLU A 111 6.44 17.21 -23.77
C GLU A 111 7.11 16.88 -22.44
N GLN A 112 6.87 15.68 -21.97
CA GLN A 112 7.44 15.22 -20.72
C GLN A 112 8.95 15.00 -20.84
N GLY A 113 9.39 14.43 -21.97
CA GLY A 113 10.81 14.24 -22.24
C GLY A 113 11.50 15.62 -22.30
N ARG A 114 10.85 16.59 -22.94
CA ARG A 114 11.44 17.91 -22.99
C ARG A 114 11.52 18.55 -21.62
N ALA A 115 10.40 18.50 -20.84
CA ALA A 115 10.39 19.08 -19.49
C ALA A 115 11.50 18.52 -18.60
N LEU A 116 11.74 17.23 -18.75
CA LEU A 116 12.75 16.58 -17.95
C LEU A 116 14.10 17.15 -18.25
N ALA A 117 14.41 17.24 -19.54
CA ALA A 117 15.71 17.76 -19.99
C ALA A 117 16.01 19.20 -19.48
N GLU A 118 14.97 20.08 -19.50
CA GLU A 118 15.02 21.49 -19.07
C GLU A 118 15.16 21.63 -17.58
N VAL A 119 14.32 20.94 -16.81
CA VAL A 119 14.28 21.20 -15.39
C VAL A 119 14.73 20.09 -14.45
N ALA A 120 14.92 18.86 -14.90
CA ALA A 120 15.24 17.84 -13.89
C ALA A 120 16.73 17.70 -13.65
N LYS A 121 17.12 16.92 -12.65
CA LYS A 121 18.55 16.71 -12.47
C LYS A 121 19.21 16.11 -13.70
N LYS A 122 20.49 16.34 -13.93
CA LYS A 122 21.09 15.73 -15.08
C LYS A 122 21.13 14.22 -14.99
N ASP A 123 21.25 13.64 -13.79
CA ASP A 123 21.32 12.18 -13.61
C ASP A 123 19.97 11.58 -13.16
N VAL A 124 18.87 12.28 -13.45
CA VAL A 124 17.52 11.84 -13.14
C VAL A 124 17.33 10.47 -13.68
N LYS A 125 16.81 9.57 -12.83
CA LYS A 125 16.45 8.24 -13.26
C LYS A 125 14.92 8.19 -13.54
N VAL A 126 14.60 7.58 -14.69
CA VAL A 126 13.30 7.56 -15.25
C VAL A 126 12.84 6.13 -15.46
N LEU A 127 11.60 5.91 -14.99
CA LEU A 127 10.90 4.64 -15.21
C LEU A 127 9.62 4.96 -15.97
N VAL A 128 9.46 4.30 -17.11
CA VAL A 128 8.21 4.48 -17.83
C VAL A 128 7.29 3.30 -17.60
N VAL A 129 6.09 3.57 -17.05
CA VAL A 129 5.15 2.46 -16.83
C VAL A 129 4.02 2.57 -17.88
N GLY A 130 3.55 3.80 -18.12
CA GLY A 130 2.41 4.00 -19.00
C GLY A 130 2.60 3.32 -20.36
N ASN A 131 1.59 2.62 -20.84
CA ASN A 131 1.72 1.90 -22.10
C ASN A 131 1.49 2.78 -23.34
N PRO A 132 2.09 2.36 -24.45
CA PRO A 132 2.98 1.23 -24.50
C PRO A 132 4.38 1.62 -23.97
N ALA A 133 4.78 1.10 -22.81
CA ALA A 133 5.97 1.57 -22.10
C ALA A 133 7.29 1.60 -22.90
N ASN A 134 7.69 0.52 -23.60
CA ASN A 134 8.95 0.55 -24.36
C ASN A 134 8.98 1.67 -25.39
N THR A 135 7.88 1.90 -26.09
CA THR A 135 7.89 2.88 -27.16
C THR A 135 7.84 4.30 -26.63
N ASN A 136 7.12 4.41 -25.50
CA ASN A 136 6.96 5.69 -24.83
C ASN A 136 8.28 6.14 -24.25
N ALA A 137 9.09 5.18 -23.78
CA ALA A 137 10.44 5.50 -23.26
C ALA A 137 11.37 5.98 -24.36
N LEU A 138 11.20 5.43 -25.58
CA LEU A 138 11.95 5.86 -26.76
C LEU A 138 11.60 7.31 -27.13
N ILE A 139 10.29 7.59 -27.24
CA ILE A 139 9.92 8.99 -27.47
C ILE A 139 10.53 9.99 -26.47
N ALA A 140 10.47 9.68 -25.19
CA ALA A 140 10.96 10.56 -24.16
C ALA A 140 12.48 10.71 -24.29
N TYR A 141 13.17 9.58 -24.41
CA TYR A 141 14.60 9.78 -24.39
C TYR A 141 15.07 10.54 -25.60
N LYS A 142 14.57 10.15 -26.77
CA LYS A 142 14.83 10.89 -27.99
C LYS A 142 14.53 12.36 -27.87
N ASN A 143 13.55 12.74 -27.07
CA ASN A 143 13.16 14.14 -26.92
C ASN A 143 13.73 14.77 -25.71
N ALA A 144 14.77 14.19 -25.16
CA ALA A 144 15.29 14.73 -23.92
C ALA A 144 16.75 15.00 -24.10
N PRO A 145 16.97 15.91 -25.07
CA PRO A 145 18.27 16.36 -25.42
C PRO A 145 19.02 16.73 -24.14
N GLY A 146 20.20 16.14 -23.98
CA GLY A 146 21.05 16.53 -22.87
C GLY A 146 21.13 15.53 -21.75
N LEU A 147 20.15 14.64 -21.63
CA LEU A 147 20.12 13.60 -20.61
C LEU A 147 20.61 12.24 -21.11
N ASN A 148 21.26 11.51 -20.24
CA ASN A 148 21.73 10.19 -20.65
C ASN A 148 20.59 9.27 -21.06
N PRO A 149 20.54 8.83 -22.31
CA PRO A 149 19.45 7.94 -22.68
C PRO A 149 19.40 6.64 -21.85
N ARG A 150 20.48 6.19 -21.23
CA ARG A 150 20.41 4.93 -20.50
C ARG A 150 19.74 5.04 -19.15
N ASN A 151 19.47 6.28 -18.77
CA ASN A 151 18.74 6.58 -17.58
C ASN A 151 17.25 6.49 -17.88
N PHE A 152 16.86 6.15 -19.10
CA PHE A 152 15.46 6.00 -19.44
C PHE A 152 15.18 4.52 -19.52
N THR A 153 14.27 4.04 -18.67
CA THR A 153 13.90 2.60 -18.70
C THR A 153 12.36 2.41 -18.76
N ALA A 154 11.97 1.16 -19.10
CA ALA A 154 10.57 0.82 -19.09
C ALA A 154 10.36 -0.40 -18.20
N MET A 155 9.12 -0.59 -17.72
CA MET A 155 8.90 -1.72 -16.85
C MET A 155 8.50 -2.99 -17.47
N THR A 156 9.25 -4.05 -17.17
CA THR A 156 8.89 -5.41 -17.42
C THR A 156 8.94 -6.20 -16.11
N ARG A 157 9.14 -5.52 -14.98
CA ARG A 157 9.25 -6.26 -13.66
C ARG A 157 7.98 -7.02 -13.21
N LEU A 158 6.81 -6.55 -13.65
CA LEU A 158 5.56 -7.22 -13.30
C LEU A 158 5.52 -8.60 -13.92
N ASP A 159 5.89 -8.68 -15.24
CA ASP A 159 5.91 -9.94 -15.93
C ASP A 159 6.94 -10.86 -15.32
N HIS A 160 8.05 -10.26 -14.91
CA HIS A 160 9.15 -10.97 -14.26
C HIS A 160 8.67 -11.63 -13.00
N ASN A 161 8.03 -10.79 -12.16
CA ASN A 161 7.45 -11.25 -10.86
C ASN A 161 6.36 -12.32 -11.07
N ARG A 162 5.43 -12.14 -12.01
CA ARG A 162 4.44 -13.18 -12.33
C ARG A 162 5.03 -14.51 -12.71
N ALA A 163 6.10 -14.44 -13.50
CA ALA A 163 6.76 -15.67 -13.92
C ALA A 163 7.43 -16.35 -12.71
N LYS A 164 8.07 -15.58 -11.80
CA LYS A 164 8.64 -16.17 -10.58
C LYS A 164 7.55 -16.88 -9.80
N ALA A 165 6.43 -16.16 -9.64
CA ALA A 165 5.30 -16.73 -9.00
C ALA A 165 4.83 -18.07 -9.55
N GLN A 166 4.71 -18.18 -10.89
CA GLN A 166 4.21 -19.45 -11.48
C GLN A 166 5.16 -20.60 -11.29
N LEU A 167 6.47 -20.30 -11.45
CA LEU A 167 7.55 -21.29 -11.24
C LEU A 167 7.58 -21.86 -9.82
N ALA A 168 7.50 -20.95 -8.83
CA ALA A 168 7.44 -21.30 -7.39
C ALA A 168 6.28 -22.21 -7.12
N LYS A 169 5.12 -21.78 -7.62
CA LYS A 169 3.93 -22.55 -7.48
C LYS A 169 4.03 -23.94 -8.10
N LYS A 170 4.52 -24.05 -9.32
CA LYS A 170 4.74 -25.33 -9.99
C LYS A 170 5.69 -26.21 -9.23
N THR A 171 6.90 -25.71 -8.88
CA THR A 171 7.92 -26.56 -8.31
C THR A 171 7.78 -26.75 -6.84
N GLY A 172 6.73 -26.16 -6.27
CA GLY A 172 6.46 -26.21 -4.85
C GLY A 172 7.48 -25.47 -3.98
N THR A 173 8.30 -24.62 -4.57
CA THR A 173 9.28 -24.01 -3.70
C THR A 173 8.95 -22.55 -3.36
N GLY A 174 9.63 -22.01 -2.39
CA GLY A 174 9.28 -20.67 -2.01
C GLY A 174 9.83 -19.70 -3.02
N VAL A 175 9.08 -18.65 -3.21
CA VAL A 175 9.42 -17.64 -4.15
C VAL A 175 10.81 -17.03 -3.96
N ASP A 176 11.25 -17.03 -2.72
CA ASP A 176 12.56 -16.48 -2.40
C ASP A 176 13.69 -17.40 -2.87
N ARG A 177 13.36 -18.59 -3.32
CA ARG A 177 14.36 -19.47 -3.81
C ARG A 177 14.49 -19.50 -5.31
N ILE A 178 13.75 -18.65 -6.01
CA ILE A 178 13.88 -18.65 -7.45
C ILE A 178 14.85 -17.57 -7.82
N ARG A 179 15.90 -17.85 -8.62
CA ARG A 179 16.72 -16.73 -9.06
C ARG A 179 17.03 -16.74 -10.55
N ARG A 180 17.47 -15.59 -11.06
CA ARG A 180 17.78 -15.52 -12.48
C ARG A 180 16.60 -15.74 -13.46
N MET A 181 15.47 -15.15 -13.14
CA MET A 181 14.35 -15.15 -14.04
C MET A 181 14.73 -14.13 -15.07
N THR A 182 14.27 -14.29 -16.33
CA THR A 182 14.49 -13.18 -17.25
C THR A 182 13.18 -13.06 -18.08
N VAL A 183 12.79 -11.86 -18.40
CA VAL A 183 11.73 -11.64 -19.34
C VAL A 183 12.34 -10.77 -20.41
N TRP A 184 12.45 -11.28 -21.64
CA TRP A 184 13.01 -10.52 -22.75
C TRP A 184 11.89 -9.85 -23.56
N GLY A 185 12.21 -8.66 -24.05
CA GLY A 185 11.31 -7.98 -24.93
C GLY A 185 10.54 -6.85 -24.29
N ASN A 186 9.23 -7.02 -24.22
CA ASN A 186 8.51 -5.93 -23.60
C ASN A 186 7.32 -6.45 -22.80
N HIS A 187 6.56 -5.51 -22.28
CA HIS A 187 5.34 -5.91 -21.60
C HIS A 187 4.23 -6.08 -22.68
N SER A 188 4.02 -7.32 -23.13
CA SER A 188 3.16 -7.61 -24.27
C SER A 188 2.85 -9.10 -24.31
N SER A 189 1.95 -9.50 -25.22
CA SER A 189 1.50 -10.87 -25.32
C SER A 189 2.65 -11.67 -25.86
N ILE A 190 3.59 -10.97 -26.49
CA ILE A 190 4.68 -11.79 -27.04
C ILE A 190 6.00 -11.68 -26.30
N MET A 191 5.98 -11.26 -25.01
CA MET A 191 7.17 -11.23 -24.18
C MET A 191 7.64 -12.65 -23.90
N PHE A 192 8.93 -12.82 -23.72
CA PHE A 192 9.41 -14.17 -23.59
C PHE A 192 10.02 -14.37 -22.21
N PRO A 193 9.45 -15.26 -21.34
CA PRO A 193 9.94 -15.46 -19.99
C PRO A 193 10.84 -16.67 -20.04
N ASP A 194 12.11 -16.43 -19.82
CA ASP A 194 13.13 -17.42 -20.02
C ASP A 194 13.45 -18.34 -18.85
N LEU A 195 13.12 -19.61 -18.94
CA LEU A 195 13.44 -20.56 -17.90
C LEU A 195 14.81 -21.20 -18.13
N PHE A 196 15.48 -20.80 -19.20
CA PHE A 196 16.70 -21.51 -19.50
C PHE A 196 17.80 -21.20 -18.51
N HIS A 197 17.87 -20.02 -17.93
CA HIS A 197 18.95 -19.74 -16.97
C HIS A 197 18.48 -19.65 -15.55
N ALA A 198 17.21 -19.92 -15.29
CA ALA A 198 16.69 -19.71 -13.96
C ALA A 198 16.99 -20.88 -13.06
N GLU A 199 17.16 -20.54 -11.80
CA GLU A 199 17.46 -21.58 -10.82
C GLU A 199 16.41 -21.64 -9.72
N VAL A 200 16.01 -22.85 -9.37
CA VAL A 200 15.05 -23.02 -8.35
C VAL A 200 15.75 -23.75 -7.20
N ASP A 201 16.09 -23.06 -6.12
CA ASP A 201 16.78 -23.69 -5.01
C ASP A 201 18.17 -24.20 -5.39
N GLY A 202 18.88 -23.49 -6.29
CA GLY A 202 20.20 -23.84 -6.84
C GLY A 202 20.20 -24.82 -8.02
N ARG A 203 19.06 -25.42 -8.36
CA ARG A 203 19.00 -26.35 -9.50
C ARG A 203 18.53 -25.60 -10.74
N PRO A 204 18.98 -26.01 -11.90
CA PRO A 204 18.44 -25.44 -13.13
C PRO A 204 16.94 -25.67 -13.16
N ALA A 205 16.14 -24.64 -13.53
CA ALA A 205 14.68 -24.80 -13.63
C ALA A 205 14.21 -25.99 -14.51
N LEU A 206 14.86 -26.19 -15.64
CA LEU A 206 14.42 -27.18 -16.57
C LEU A 206 14.74 -28.60 -16.17
N GLU A 207 15.43 -28.76 -15.06
CA GLU A 207 15.60 -30.08 -14.50
C GLU A 207 14.42 -30.50 -13.68
N LEU A 208 13.69 -29.52 -13.16
CA LEU A 208 12.51 -29.75 -12.35
C LEU A 208 11.22 -29.63 -13.15
N VAL A 209 11.33 -29.00 -14.29
CA VAL A 209 10.12 -28.74 -15.01
C VAL A 209 10.39 -29.14 -16.43
N ASP A 210 9.40 -29.72 -17.12
CA ASP A 210 9.60 -30.19 -18.50
C ASP A 210 9.26 -29.19 -19.57
N MET A 211 9.84 -29.42 -20.71
CA MET A 211 9.71 -28.45 -21.76
C MET A 211 8.30 -28.29 -22.34
N GLU A 212 7.52 -29.33 -22.18
CA GLU A 212 6.16 -29.26 -22.63
C GLU A 212 5.34 -28.35 -21.70
N TRP A 213 5.46 -28.56 -20.40
CA TRP A 213 4.82 -27.62 -19.48
C TRP A 213 5.25 -26.18 -19.71
N TYR A 214 6.55 -26.03 -19.96
CA TYR A 214 7.09 -24.71 -20.25
C TYR A 214 6.34 -24.04 -21.39
N GLU A 215 6.27 -24.71 -22.52
CA GLU A 215 5.73 -24.01 -23.67
C GLU A 215 4.21 -24.00 -23.79
N LYS A 216 3.57 -25.04 -23.25
CA LYS A 216 2.13 -25.20 -23.26
C LYS A 216 1.38 -24.64 -22.10
N VAL A 217 2.03 -24.66 -20.93
CA VAL A 217 1.33 -24.20 -19.73
C VAL A 217 1.84 -22.87 -19.18
N PHE A 218 3.16 -22.87 -18.89
CA PHE A 218 3.85 -21.71 -18.34
C PHE A 218 3.77 -20.45 -19.21
N ILE A 219 4.22 -20.47 -20.46
CA ILE A 219 4.19 -19.24 -21.21
C ILE A 219 2.82 -18.62 -21.37
N PRO A 220 1.86 -19.42 -21.82
CA PRO A 220 0.56 -18.86 -22.00
C PRO A 220 -0.02 -18.35 -20.68
N THR A 221 0.22 -19.07 -19.57
CA THR A 221 -0.42 -18.61 -18.33
C THR A 221 0.20 -17.29 -17.85
N VAL A 222 1.51 -17.09 -18.05
CA VAL A 222 2.06 -15.81 -17.64
C VAL A 222 1.52 -14.71 -18.53
N ALA A 223 1.41 -14.99 -19.82
CA ALA A 223 0.89 -13.93 -20.71
C ALA A 223 -0.57 -13.54 -20.46
N GLN A 224 -1.36 -14.50 -20.00
CA GLN A 224 -2.77 -14.24 -19.76
C GLN A 224 -3.03 -13.68 -18.35
N ARG A 225 -1.97 -13.51 -17.54
CA ARG A 225 -2.18 -13.21 -16.13
C ARG A 225 -2.96 -11.94 -15.86
N GLY A 226 -2.74 -10.93 -16.69
CA GLY A 226 -3.38 -9.66 -16.48
C GLY A 226 -4.89 -9.80 -16.73
N ALA A 227 -5.23 -10.63 -17.68
CA ALA A 227 -6.64 -10.82 -18.05
C ALA A 227 -7.33 -11.64 -16.97
N ALA A 228 -6.61 -12.63 -16.36
CA ALA A 228 -7.23 -13.46 -15.30
C ALA A 228 -7.60 -12.56 -14.13
N ILE A 229 -6.70 -11.61 -13.84
CA ILE A 229 -6.99 -10.68 -12.74
C ILE A 229 -8.20 -9.79 -13.07
N ILE A 230 -8.24 -9.22 -14.27
CA ILE A 230 -9.37 -8.41 -14.66
C ILE A 230 -10.62 -9.25 -14.60
N GLN A 231 -10.57 -10.47 -15.09
CA GLN A 231 -11.84 -11.20 -15.04
C GLN A 231 -12.21 -11.48 -13.60
N ALA A 232 -11.26 -11.67 -12.73
CA ALA A 232 -11.59 -11.97 -11.34
C ALA A 232 -12.14 -10.79 -10.54
N ARG A 233 -11.43 -9.67 -10.52
CA ARG A 233 -11.73 -8.50 -9.69
C ARG A 233 -12.52 -7.46 -10.48
N GLY A 234 -12.54 -7.56 -11.78
CA GLY A 234 -13.30 -6.50 -12.41
C GLY A 234 -12.50 -5.25 -12.49
N ALA A 235 -11.20 -5.34 -12.27
CA ALA A 235 -10.37 -4.13 -12.36
C ALA A 235 -8.95 -4.55 -12.67
N SER A 236 -8.10 -3.71 -13.21
CA SER A 236 -6.77 -4.30 -13.53
C SER A 236 -5.86 -4.40 -12.30
N SER A 237 -4.71 -5.00 -12.47
CA SER A 237 -3.79 -5.33 -11.41
C SER A 237 -2.97 -4.13 -10.89
N ALA A 238 -3.57 -3.11 -10.27
CA ALA A 238 -2.90 -1.93 -9.81
C ALA A 238 -1.89 -2.15 -8.68
N ALA A 239 -2.27 -2.88 -7.64
CA ALA A 239 -1.35 -3.06 -6.52
C ALA A 239 -0.09 -3.85 -6.91
N SER A 240 -0.25 -4.90 -7.64
CA SER A 240 0.87 -5.64 -8.02
C SER A 240 1.73 -4.92 -9.07
N ALA A 241 1.16 -4.05 -9.90
CA ALA A 241 1.96 -3.31 -10.86
C ALA A 241 2.74 -2.28 -10.07
N ALA A 242 2.13 -1.59 -9.07
CA ALA A 242 2.83 -0.61 -8.23
C ALA A 242 3.98 -1.28 -7.51
N ASN A 243 3.75 -2.51 -7.01
CA ASN A 243 4.82 -3.25 -6.34
C ASN A 243 6.02 -3.43 -7.29
N ALA A 244 5.74 -3.85 -8.52
CA ALA A 244 6.75 -4.10 -9.53
C ALA A 244 7.48 -2.80 -9.85
N ALA A 245 6.80 -1.67 -9.88
CA ALA A 245 7.47 -0.43 -10.17
C ALA A 245 8.40 -0.05 -9.02
N ILE A 246 7.96 -0.26 -7.79
CA ILE A 246 8.79 0.04 -6.64
C ILE A 246 10.06 -0.81 -6.71
N GLU A 247 9.89 -2.11 -6.98
CA GLU A 247 11.05 -2.98 -7.07
C GLU A 247 12.00 -2.62 -8.19
N HIS A 248 11.50 -2.16 -9.33
CA HIS A 248 12.34 -1.78 -10.46
C HIS A 248 13.31 -0.68 -10.04
N ILE A 249 12.77 0.37 -9.43
CA ILE A 249 13.53 1.51 -8.89
C ILE A 249 14.50 1.11 -7.77
N ARG A 250 13.98 0.36 -6.78
CA ARG A 250 14.75 -0.08 -5.64
C ARG A 250 15.98 -0.88 -6.13
N ASP A 251 15.76 -1.92 -6.91
CA ASP A 251 16.87 -2.74 -7.35
C ASP A 251 17.90 -2.01 -8.22
N TRP A 252 17.48 -0.98 -8.95
CA TRP A 252 18.41 -0.16 -9.75
C TRP A 252 19.17 0.80 -8.80
N ALA A 253 18.48 1.52 -7.89
CA ALA A 253 19.06 2.49 -6.95
C ALA A 253 19.98 1.88 -5.87
N LEU A 254 19.58 0.78 -5.24
CA LEU A 254 20.31 0.06 -4.20
C LEU A 254 21.16 -1.02 -4.87
N GLY A 255 20.60 -2.06 -5.44
CA GLY A 255 21.39 -2.96 -6.30
C GLY A 255 20.75 -4.34 -6.28
N THR A 256 21.09 -5.23 -7.19
CA THR A 256 20.46 -6.55 -7.17
C THR A 256 21.20 -7.51 -6.23
N PRO A 257 20.62 -8.62 -5.78
CA PRO A 257 21.34 -9.47 -4.86
C PRO A 257 22.50 -10.15 -5.57
N GLU A 258 23.45 -10.71 -4.81
CA GLU A 258 24.60 -11.42 -5.33
C GLU A 258 24.13 -12.67 -6.00
N GLY A 259 24.70 -12.93 -7.19
CA GLY A 259 24.33 -14.19 -7.79
C GLY A 259 22.99 -14.13 -8.50
N ASP A 260 22.36 -12.97 -8.55
CA ASP A 260 21.03 -12.82 -9.17
C ASP A 260 20.97 -11.72 -10.22
N TRP A 261 19.85 -11.63 -10.94
CA TRP A 261 19.65 -10.50 -11.81
C TRP A 261 18.15 -10.23 -11.90
N VAL A 262 17.80 -9.04 -12.47
CA VAL A 262 16.42 -8.59 -12.68
C VAL A 262 16.13 -8.28 -14.14
N SER A 263 14.86 -8.10 -14.51
CA SER A 263 14.57 -7.75 -15.90
C SER A 263 14.29 -6.29 -15.97
N MET A 264 14.90 -5.55 -16.91
CA MET A 264 14.49 -4.17 -17.09
C MET A 264 14.58 -3.95 -18.60
N ALA A 265 13.70 -3.09 -19.12
CA ALA A 265 13.79 -2.69 -20.51
C ALA A 265 14.60 -1.44 -20.57
N VAL A 266 15.72 -1.56 -21.32
CA VAL A 266 16.64 -0.41 -21.43
C VAL A 266 16.98 -0.15 -22.91
N PRO A 267 17.57 1.01 -23.18
CA PRO A 267 17.96 1.27 -24.57
C PRO A 267 19.09 0.38 -25.00
N SER A 268 18.75 -0.36 -26.06
CA SER A 268 19.64 -1.33 -26.66
C SER A 268 20.95 -0.76 -27.20
N GLN A 269 22.05 -1.44 -26.94
CA GLN A 269 23.33 -0.96 -27.44
C GLN A 269 23.95 -2.05 -28.29
N GLY A 270 23.06 -2.86 -28.81
CA GLY A 270 23.41 -3.97 -29.67
C GLY A 270 23.50 -5.31 -28.98
N GLU A 271 23.32 -5.30 -27.65
CA GLU A 271 23.40 -6.52 -26.87
C GLU A 271 22.59 -7.66 -27.50
N TYR A 272 23.15 -8.86 -27.45
CA TYR A 272 22.55 -10.09 -27.94
C TYR A 272 22.12 -9.99 -29.38
N GLY A 273 22.63 -8.96 -30.00
CA GLY A 273 22.23 -8.76 -31.37
C GLY A 273 20.89 -8.08 -31.50
N ILE A 274 20.48 -7.37 -30.44
CA ILE A 274 19.22 -6.68 -30.51
C ILE A 274 19.45 -5.32 -31.11
N PRO A 275 18.65 -4.89 -32.10
CA PRO A 275 18.86 -3.62 -32.78
C PRO A 275 19.14 -2.49 -31.83
N GLU A 276 20.23 -1.78 -32.00
CA GLU A 276 20.46 -0.59 -31.21
C GLU A 276 19.26 0.39 -31.20
N GLY A 277 19.09 1.10 -30.08
CA GLY A 277 18.11 2.19 -30.03
C GLY A 277 16.74 1.88 -29.46
N ILE A 278 16.15 0.74 -29.87
CA ILE A 278 14.88 0.36 -29.26
C ILE A 278 15.08 -0.01 -27.79
N VAL A 279 14.05 0.30 -27.00
CA VAL A 279 14.02 0.00 -25.59
C VAL A 279 13.54 -1.43 -25.45
N TYR A 280 14.45 -2.25 -24.94
CA TYR A 280 14.27 -3.68 -24.91
C TYR A 280 14.67 -4.30 -23.55
N SER A 281 13.90 -5.31 -23.11
CA SER A 281 14.07 -5.92 -21.82
C SER A 281 15.15 -7.00 -21.87
N PHE A 282 16.15 -6.86 -21.02
CA PHE A 282 17.30 -7.74 -20.82
C PHE A 282 17.44 -8.12 -19.38
N PRO A 283 18.28 -9.10 -19.16
CA PRO A 283 18.70 -9.45 -17.83
C PRO A 283 19.80 -8.45 -17.40
N VAL A 284 19.63 -7.75 -16.27
CA VAL A 284 20.59 -6.78 -15.76
C VAL A 284 20.87 -6.91 -14.27
N THR A 285 22.07 -6.52 -13.92
CA THR A 285 22.49 -6.46 -12.54
C THR A 285 22.71 -5.01 -12.33
N ALA A 286 22.60 -4.64 -11.08
CA ALA A 286 22.74 -3.22 -10.81
C ALA A 286 23.43 -3.03 -9.47
N LYS A 287 24.05 -1.87 -9.37
CA LYS A 287 24.80 -1.52 -8.16
C LYS A 287 24.83 0.00 -8.09
N ASP A 288 24.26 0.48 -7.02
CA ASP A 288 24.29 1.86 -6.67
C ASP A 288 23.98 2.80 -7.80
N GLY A 289 22.90 2.53 -8.50
CA GLY A 289 22.47 3.48 -9.53
C GLY A 289 22.91 3.13 -10.94
N ALA A 290 23.87 2.23 -11.09
CA ALA A 290 24.10 1.86 -12.47
C ALA A 290 23.82 0.39 -12.72
N TYR A 291 23.40 0.09 -13.96
CA TYR A 291 23.04 -1.26 -14.33
C TYR A 291 23.95 -1.74 -15.43
N ARG A 292 23.97 -3.03 -15.65
CA ARG A 292 24.77 -3.48 -16.75
C ARG A 292 24.04 -4.67 -17.32
N VAL A 293 23.92 -4.80 -18.65
CA VAL A 293 23.31 -6.00 -19.20
C VAL A 293 24.09 -7.27 -18.93
N VAL A 294 23.41 -8.36 -18.61
CA VAL A 294 24.14 -9.61 -18.42
C VAL A 294 24.43 -10.21 -19.79
N GLU A 295 25.65 -10.06 -20.21
CA GLU A 295 25.96 -10.57 -21.51
C GLU A 295 26.61 -11.93 -21.45
N GLY A 296 26.60 -12.57 -22.62
CA GLY A 296 27.26 -13.87 -22.73
C GLY A 296 26.47 -15.08 -22.31
N LEU A 297 25.14 -14.95 -22.20
CA LEU A 297 24.34 -16.12 -21.84
C LEU A 297 24.25 -16.94 -23.09
N GLU A 298 24.02 -18.25 -22.97
CA GLU A 298 23.79 -19.00 -24.17
C GLU A 298 22.35 -18.87 -24.64
N ILE A 299 22.12 -18.37 -25.85
CA ILE A 299 20.78 -18.25 -26.43
C ILE A 299 20.46 -19.41 -27.40
N ASN A 300 19.71 -20.39 -26.96
CA ASN A 300 19.37 -21.39 -27.94
C ASN A 300 18.34 -20.90 -28.95
N GLU A 301 17.98 -21.86 -29.75
CA GLU A 301 17.16 -21.59 -30.88
C GLU A 301 15.70 -21.29 -30.48
N PHE A 302 15.21 -22.04 -29.50
CA PHE A 302 13.87 -21.77 -28.97
C PHE A 302 13.75 -20.36 -28.41
N ALA A 303 14.77 -19.96 -27.66
CA ALA A 303 14.88 -18.61 -27.17
C ALA A 303 15.04 -17.53 -28.27
N ARG A 304 15.93 -17.75 -29.29
CA ARG A 304 16.15 -16.71 -30.30
C ARG A 304 14.93 -16.26 -31.12
N LYS A 305 14.17 -17.26 -31.55
CA LYS A 305 12.98 -16.99 -32.32
C LYS A 305 12.14 -15.98 -31.56
N ARG A 306 11.85 -16.33 -30.29
CA ARG A 306 11.09 -15.43 -29.43
C ARG A 306 11.80 -14.09 -29.19
N MET A 307 13.11 -14.08 -29.10
CA MET A 307 13.72 -12.78 -28.91
C MET A 307 13.53 -11.92 -30.13
N GLU A 308 13.63 -12.61 -31.26
CA GLU A 308 13.49 -12.00 -32.58
C GLU A 308 12.14 -11.32 -32.85
N ILE A 309 11.09 -12.05 -32.52
CA ILE A 309 9.73 -11.64 -32.76
C ILE A 309 9.42 -10.31 -32.13
N THR A 310 9.83 -10.24 -30.86
CA THR A 310 9.53 -9.07 -30.05
C THR A 310 10.42 -7.90 -30.44
N ALA A 311 11.66 -8.24 -30.79
CA ALA A 311 12.55 -7.22 -31.33
C ALA A 311 11.95 -6.66 -32.61
N GLN A 312 11.37 -7.53 -33.43
CA GLN A 312 10.76 -7.06 -34.67
C GLN A 312 9.65 -6.05 -34.47
N GLU A 313 8.69 -6.45 -33.64
CA GLU A 313 7.56 -5.59 -33.30
C GLU A 313 8.01 -4.24 -32.81
N LEU A 314 8.96 -4.29 -31.89
CA LEU A 314 9.44 -3.03 -31.37
C LEU A 314 9.98 -2.13 -32.50
N LEU A 315 10.82 -2.72 -33.40
CA LEU A 315 11.39 -2.04 -34.58
C LEU A 315 10.28 -1.38 -35.42
N ASP A 316 9.20 -2.12 -35.68
CA ASP A 316 8.06 -1.52 -36.38
C ASP A 316 7.58 -0.23 -35.76
N GLU A 317 7.25 -0.26 -34.45
CA GLU A 317 6.71 0.93 -33.81
C GLU A 317 7.72 2.06 -33.89
N MET A 318 9.00 1.68 -33.75
CA MET A 318 10.04 2.70 -33.82
C MET A 318 9.83 3.50 -35.09
N GLU A 319 9.86 2.73 -36.17
CA GLU A 319 9.63 3.09 -37.57
C GLU A 319 8.35 3.95 -37.71
N GLN A 320 7.27 3.35 -37.22
CA GLN A 320 5.99 4.02 -37.21
C GLN A 320 6.08 5.37 -36.54
N VAL A 321 6.85 5.43 -35.46
CA VAL A 321 6.98 6.66 -34.70
C VAL A 321 7.77 7.76 -35.44
N LYS A 322 8.87 7.36 -36.09
CA LYS A 322 9.61 8.20 -37.01
C LYS A 322 8.68 8.72 -38.12
N ALA A 323 7.91 7.78 -38.67
CA ALA A 323 6.90 8.16 -39.65
C ALA A 323 6.09 9.35 -39.16
N LEU A 324 5.70 9.32 -37.89
CA LEU A 324 4.92 10.46 -37.43
C LEU A 324 5.81 11.66 -37.14
N GLY A 325 7.09 11.53 -37.47
CA GLY A 325 8.00 12.54 -37.00
C GLY A 325 7.87 12.76 -35.48
N LEU A 326 7.91 11.70 -34.65
CA LEU A 326 7.79 11.91 -33.20
C LEU A 326 9.13 11.97 -32.56
N ILE A 327 10.05 11.23 -33.17
CA ILE A 327 11.46 11.15 -32.84
C ILE A 327 12.14 11.21 -34.19
N MET B 1 14.84 -16.75 11.49
CA MET B 1 14.68 -17.24 12.86
C MET B 1 13.25 -17.23 13.32
N LYS B 2 12.46 -16.19 12.99
CA LYS B 2 11.11 -16.10 13.57
C LYS B 2 10.12 -16.99 12.87
N ALA B 3 9.32 -17.75 13.61
CA ALA B 3 8.31 -18.62 12.94
C ALA B 3 7.14 -17.76 12.49
N PRO B 4 6.47 -18.12 11.44
CA PRO B 4 5.43 -17.23 10.91
C PRO B 4 4.27 -17.06 11.86
N VAL B 5 3.66 -15.86 11.91
CA VAL B 5 2.42 -15.61 12.66
C VAL B 5 1.22 -15.64 11.68
N ARG B 6 0.01 -15.90 12.14
CA ARG B 6 -1.11 -15.97 11.21
C ARG B 6 -1.95 -14.76 11.39
N VAL B 7 -2.20 -14.09 10.26
CA VAL B 7 -2.94 -12.87 10.35
C VAL B 7 -4.25 -13.04 9.61
N ALA B 8 -5.38 -12.92 10.30
CA ALA B 8 -6.67 -13.08 9.67
C ALA B 8 -7.17 -11.68 9.28
N VAL B 9 -7.64 -11.47 8.05
CA VAL B 9 -8.18 -10.17 7.66
C VAL B 9 -9.56 -10.40 7.01
N THR B 10 -10.62 -9.83 7.58
CA THR B 10 -11.94 -10.01 6.96
C THR B 10 -12.23 -8.78 6.04
N GLY B 11 -13.22 -8.82 5.12
CA GLY B 11 -13.46 -7.64 4.24
C GLY B 11 -12.35 -7.51 3.21
N ALA B 12 -11.67 -8.62 3.04
CA ALA B 12 -10.41 -8.64 2.30
C ALA B 12 -10.51 -8.20 0.81
N ALA B 13 -11.67 -8.30 0.14
CA ALA B 13 -11.72 -7.84 -1.25
C ALA B 13 -12.18 -6.42 -1.34
N GLY B 14 -12.42 -5.75 -0.22
CA GLY B 14 -12.93 -4.38 -0.11
C GLY B 14 -11.88 -3.32 -0.36
N GLN B 15 -12.21 -2.06 -0.24
CA GLN B 15 -11.23 -1.07 -0.60
C GLN B 15 -10.07 -0.94 0.41
N ILE B 16 -10.44 -0.91 1.69
CA ILE B 16 -9.42 -0.88 2.72
C ILE B 16 -8.57 -2.12 2.58
N GLY B 17 -9.09 -3.30 2.40
CA GLY B 17 -8.26 -4.46 2.28
C GLY B 17 -7.29 -4.37 1.11
N TYR B 18 -7.70 -3.68 0.02
CA TYR B 18 -6.87 -3.66 -1.18
C TYR B 18 -5.63 -2.81 -0.91
N SER B 19 -5.72 -1.81 -0.03
CA SER B 19 -4.54 -1.00 0.32
C SER B 19 -3.83 -1.58 1.54
N LEU B 20 -4.45 -2.47 2.31
CA LEU B 20 -3.85 -3.00 3.54
C LEU B 20 -2.99 -4.24 3.27
N LEU B 21 -3.48 -5.20 2.48
CA LEU B 21 -2.83 -6.51 2.40
C LEU B 21 -1.41 -6.50 1.90
N PHE B 22 -1.14 -5.67 0.90
CA PHE B 22 0.17 -5.64 0.29
C PHE B 22 1.25 -5.15 1.28
N ARG B 23 0.89 -4.12 2.05
CA ARG B 23 1.83 -3.51 3.00
C ARG B 23 2.00 -4.48 4.17
N ILE B 24 1.01 -5.27 4.49
CA ILE B 24 1.24 -6.28 5.56
C ILE B 24 2.19 -7.39 5.09
N ALA B 25 1.99 -7.87 3.88
CA ALA B 25 2.85 -8.95 3.38
C ALA B 25 4.28 -8.45 3.12
N ALA B 26 4.48 -7.15 2.95
CA ALA B 26 5.81 -6.57 2.67
C ALA B 26 6.57 -6.43 3.99
N GLY B 27 5.89 -6.78 5.05
CA GLY B 27 6.52 -6.66 6.35
C GLY B 27 6.39 -5.35 7.09
N GLU B 28 5.48 -4.44 6.71
CA GLU B 28 5.36 -3.16 7.37
C GLU B 28 4.63 -3.17 8.69
N MET B 29 3.92 -4.24 8.96
CA MET B 29 3.14 -4.11 10.17
C MET B 29 3.87 -4.77 11.34
N LEU B 30 4.49 -5.95 11.14
CA LEU B 30 5.04 -6.68 12.30
C LEU B 30 6.57 -6.80 12.22
N GLY B 31 7.23 -6.26 11.20
CA GLY B 31 8.68 -6.31 11.07
C GLY B 31 9.16 -7.00 9.83
N LYS B 32 10.29 -6.59 9.30
CA LYS B 32 10.87 -7.24 8.16
C LYS B 32 11.54 -8.53 8.51
N ASP B 33 11.58 -8.92 9.78
CA ASP B 33 12.11 -10.26 10.10
C ASP B 33 11.00 -11.25 10.43
N GLN B 34 9.71 -10.91 10.25
CA GLN B 34 8.61 -11.76 10.70
C GLN B 34 7.68 -12.23 9.59
N PRO B 35 7.85 -13.45 9.15
CA PRO B 35 7.04 -13.97 8.08
C PRO B 35 5.58 -14.01 8.48
N VAL B 36 4.65 -13.85 7.54
CA VAL B 36 3.20 -13.86 7.88
C VAL B 36 2.46 -14.85 6.98
N ILE B 37 1.41 -15.44 7.53
CA ILE B 37 0.56 -16.30 6.71
C ILE B 37 -0.71 -15.48 6.65
N LEU B 38 -1.29 -15.14 5.48
CA LEU B 38 -2.55 -14.34 5.53
C LEU B 38 -3.73 -15.27 5.34
N GLN B 39 -4.77 -15.11 6.17
CA GLN B 39 -5.96 -15.95 6.14
C GLN B 39 -7.09 -15.00 5.84
N LEU B 40 -7.61 -14.99 4.60
CA LEU B 40 -8.53 -13.91 4.24
C LEU B 40 -9.98 -14.36 4.16
N LEU B 41 -10.87 -13.57 4.69
CA LEU B 41 -12.26 -13.95 4.77
C LEU B 41 -13.08 -12.97 3.97
N GLU B 42 -13.98 -13.47 3.11
CA GLU B 42 -14.92 -12.60 2.45
C GLU B 42 -16.32 -13.22 2.56
N ILE B 43 -17.39 -12.49 2.19
CA ILE B 43 -18.73 -13.08 2.04
C ILE B 43 -18.82 -13.83 0.72
N PRO B 44 -19.74 -14.76 0.57
CA PRO B 44 -19.76 -15.56 -0.63
C PRO B 44 -19.86 -14.82 -1.92
N GLN B 45 -20.56 -13.71 -1.93
CA GLN B 45 -20.63 -12.95 -3.16
C GLN B 45 -19.28 -12.43 -3.60
N ALA B 46 -18.34 -12.17 -2.67
CA ALA B 46 -17.08 -11.52 -3.04
C ALA B 46 -15.96 -12.49 -3.28
N MET B 47 -16.21 -13.80 -3.25
CA MET B 47 -15.10 -14.70 -3.31
C MET B 47 -14.34 -14.57 -4.60
N LYS B 48 -15.02 -14.39 -5.73
CA LYS B 48 -14.26 -14.29 -6.97
C LYS B 48 -13.37 -13.07 -6.97
N ALA B 49 -13.86 -11.94 -6.45
CA ALA B 49 -12.94 -10.84 -6.47
C ALA B 49 -11.80 -11.14 -5.54
N LEU B 50 -12.06 -11.89 -4.47
CA LEU B 50 -10.98 -12.19 -3.49
C LEU B 50 -9.87 -13.02 -4.14
N GLU B 51 -10.27 -13.94 -5.03
CA GLU B 51 -9.33 -14.74 -5.81
C GLU B 51 -8.45 -13.84 -6.68
N GLY B 52 -9.05 -12.80 -7.25
CA GLY B 52 -8.18 -11.95 -8.00
C GLY B 52 -7.16 -11.29 -7.04
N VAL B 53 -7.57 -10.84 -5.81
CA VAL B 53 -6.64 -10.22 -4.85
C VAL B 53 -5.49 -11.19 -4.50
N VAL B 54 -5.85 -12.45 -4.31
CA VAL B 54 -4.89 -13.49 -4.01
C VAL B 54 -3.90 -13.61 -5.13
N MET B 55 -4.36 -13.50 -6.39
CA MET B 55 -3.39 -13.59 -7.50
C MET B 55 -2.42 -12.43 -7.48
N GLU B 56 -2.95 -11.24 -7.14
CA GLU B 56 -2.04 -10.13 -7.19
C GLU B 56 -1.05 -10.28 -6.01
N LEU B 57 -1.44 -10.79 -4.85
CA LEU B 57 -0.48 -11.00 -3.76
C LEU B 57 0.58 -11.98 -4.21
N GLU B 58 0.22 -13.07 -4.87
CA GLU B 58 1.25 -13.98 -5.37
C GLU B 58 2.16 -13.25 -6.35
N ASP B 59 1.61 -12.33 -7.17
CA ASP B 59 2.40 -11.71 -8.23
C ASP B 59 3.36 -10.65 -7.71
N CYS B 60 3.36 -10.41 -6.39
CA CYS B 60 4.33 -9.46 -5.84
C CYS B 60 5.60 -10.24 -5.40
N ALA B 61 5.56 -11.57 -5.36
CA ALA B 61 6.65 -12.41 -4.98
C ALA B 61 7.25 -11.92 -3.64
N PHE B 62 6.43 -11.88 -2.57
CA PHE B 62 6.87 -11.35 -1.28
C PHE B 62 7.64 -12.44 -0.51
N PRO B 63 8.94 -12.26 -0.22
CA PRO B 63 9.63 -13.32 0.50
C PRO B 63 9.02 -13.55 1.90
N LEU B 64 8.34 -12.60 2.55
CA LEU B 64 7.80 -12.87 3.87
C LEU B 64 6.45 -13.53 3.87
N LEU B 65 5.84 -13.68 2.73
CA LEU B 65 4.51 -14.23 2.65
C LEU B 65 4.63 -15.74 2.75
N ALA B 66 4.40 -16.29 3.92
CA ALA B 66 4.71 -17.69 4.08
C ALA B 66 3.52 -18.54 3.78
N GLY B 67 2.35 -17.94 3.63
CA GLY B 67 1.18 -18.76 3.37
C GLY B 67 0.02 -17.82 3.09
N LEU B 68 -0.97 -18.25 2.29
CA LEU B 68 -2.06 -17.39 1.85
C LEU B 68 -3.29 -18.21 1.66
N GLU B 69 -4.37 -17.91 2.34
CA GLU B 69 -5.53 -18.70 2.11
C GLU B 69 -6.76 -17.82 2.22
N ALA B 70 -7.73 -18.13 1.32
CA ALA B 70 -8.94 -17.34 1.20
C ALA B 70 -10.14 -18.22 1.50
N THR B 71 -11.12 -17.73 2.23
CA THR B 71 -12.20 -18.64 2.50
C THR B 71 -13.40 -17.77 2.75
N ASP B 72 -14.55 -18.43 2.89
CA ASP B 72 -15.75 -17.69 3.24
C ASP B 72 -16.36 -18.23 4.53
N ASP B 73 -15.61 -19.06 5.22
CA ASP B 73 -16.04 -19.59 6.52
C ASP B 73 -15.20 -18.96 7.63
N PRO B 74 -15.79 -18.27 8.60
CA PRO B 74 -15.05 -17.72 9.75
C PRO B 74 -14.20 -18.71 10.58
N ASP B 75 -14.54 -20.00 10.61
CA ASP B 75 -13.77 -20.99 11.37
C ASP B 75 -12.53 -21.42 10.68
N VAL B 76 -12.45 -21.27 9.36
CA VAL B 76 -11.20 -21.56 8.67
C VAL B 76 -10.30 -20.35 8.70
N ALA B 77 -10.86 -19.17 8.53
CA ALA B 77 -10.09 -17.92 8.53
C ALA B 77 -9.43 -17.58 9.85
N PHE B 78 -10.12 -17.83 10.96
CA PHE B 78 -9.61 -17.44 12.26
C PHE B 78 -8.80 -18.59 12.88
N LYS B 79 -8.75 -19.69 12.15
CA LYS B 79 -8.07 -20.87 12.65
C LYS B 79 -6.64 -20.59 13.14
N ASP B 80 -6.38 -20.78 14.42
CA ASP B 80 -5.06 -20.48 14.94
C ASP B 80 -4.56 -19.06 14.68
N ALA B 81 -5.43 -18.08 14.50
CA ALA B 81 -4.92 -16.73 14.23
C ALA B 81 -4.16 -16.11 15.41
N ASP B 82 -3.08 -15.32 15.17
CA ASP B 82 -2.34 -14.57 16.18
C ASP B 82 -2.89 -13.18 16.19
N TYR B 83 -3.32 -12.76 14.99
CA TYR B 83 -3.91 -11.42 14.89
C TYR B 83 -5.18 -11.44 14.02
N ALA B 84 -6.15 -10.56 14.30
CA ALA B 84 -7.32 -10.57 13.42
C ALA B 84 -7.77 -9.18 13.19
N LEU B 85 -7.84 -8.78 11.88
CA LEU B 85 -8.26 -7.45 11.61
C LEU B 85 -9.67 -7.50 11.05
N LEU B 86 -10.64 -6.94 11.78
CA LEU B 86 -12.03 -7.21 11.39
C LEU B 86 -12.49 -5.99 10.64
N VAL B 87 -12.31 -6.06 9.31
CA VAL B 87 -12.60 -4.89 8.50
C VAL B 87 -14.00 -4.96 7.90
N GLY B 88 -14.43 -6.15 7.47
CA GLY B 88 -15.77 -6.33 6.98
C GLY B 88 -16.85 -5.93 8.00
N ALA B 89 -17.87 -5.29 7.50
CA ALA B 89 -19.01 -4.91 8.31
C ALA B 89 -20.24 -4.69 7.40
N ALA B 90 -21.47 -4.61 7.91
CA ALA B 90 -22.60 -4.46 7.02
C ALA B 90 -22.56 -3.19 6.19
N PRO B 91 -22.91 -3.32 4.95
CA PRO B 91 -23.06 -2.22 4.04
C PRO B 91 -24.23 -1.34 4.41
N ARG B 92 -24.20 -0.11 3.94
CA ARG B 92 -25.40 0.70 4.14
C ARG B 92 -26.43 0.57 3.03
N LYS B 93 -27.67 0.44 3.49
CA LYS B 93 -28.71 0.22 2.52
C LYS B 93 -29.77 1.26 2.72
N ALA B 94 -30.44 1.48 1.59
CA ALA B 94 -31.52 2.41 1.36
C ALA B 94 -32.63 2.24 2.37
N GLY B 95 -32.83 3.35 3.11
CA GLY B 95 -33.86 3.48 4.14
C GLY B 95 -33.65 2.55 5.31
N MET B 96 -32.49 1.92 5.25
CA MET B 96 -32.04 1.07 6.29
C MET B 96 -31.50 1.99 7.36
N GLU B 97 -32.36 2.15 8.35
CA GLU B 97 -32.22 2.93 9.58
C GLU B 97 -31.17 2.43 10.62
N ARG B 98 -30.89 3.24 11.63
CA ARG B 98 -29.79 2.93 12.51
C ARG B 98 -29.86 1.53 13.11
N ARG B 99 -30.96 1.28 13.80
CA ARG B 99 -31.21 0.02 14.46
C ARG B 99 -31.12 -1.11 13.49
N ASP B 100 -31.43 -0.82 12.23
CA ASP B 100 -31.35 -1.87 11.26
C ASP B 100 -29.87 -2.21 10.95
N LEU B 101 -29.03 -1.18 10.97
CA LEU B 101 -27.61 -1.36 10.74
C LEU B 101 -26.97 -2.16 11.89
N LEU B 102 -27.35 -1.80 13.12
CA LEU B 102 -27.00 -2.40 14.40
C LEU B 102 -27.31 -3.89 14.46
N GLN B 103 -28.43 -4.20 13.84
CA GLN B 103 -28.92 -5.53 13.88
C GLN B 103 -28.10 -6.40 12.97
N VAL B 104 -27.84 -5.85 11.78
CA VAL B 104 -27.10 -6.62 10.77
C VAL B 104 -25.68 -6.86 11.28
N ASN B 105 -25.10 -5.77 11.78
CA ASN B 105 -23.76 -5.83 12.31
C ASN B 105 -23.73 -6.77 13.51
N GLY B 106 -24.77 -6.68 14.34
CA GLY B 106 -24.82 -7.51 15.51
C GLY B 106 -24.69 -8.95 15.10
N LYS B 107 -25.22 -9.21 13.92
CA LYS B 107 -25.15 -10.55 13.46
C LYS B 107 -23.74 -10.96 13.06
N ILE B 108 -23.09 -10.12 12.27
CA ILE B 108 -21.76 -10.50 11.82
C ILE B 108 -20.82 -10.61 13.04
N PHE B 109 -20.90 -9.61 13.91
CA PHE B 109 -19.97 -9.56 15.05
C PHE B 109 -20.16 -10.59 16.12
N THR B 110 -21.39 -11.09 16.26
CA THR B 110 -21.64 -12.23 17.13
C THR B 110 -21.04 -13.46 16.53
N GLU B 111 -21.26 -13.59 15.27
CA GLU B 111 -20.73 -14.80 14.68
C GLU B 111 -19.21 -14.84 14.73
N GLN B 112 -18.61 -13.70 14.46
CA GLN B 112 -17.18 -13.66 14.37
C GLN B 112 -16.56 -13.77 15.76
N GLY B 113 -17.15 -13.06 16.74
CA GLY B 113 -16.79 -13.24 18.15
C GLY B 113 -16.74 -14.73 18.53
N ARG B 114 -17.82 -15.47 18.18
CA ARG B 114 -17.86 -16.88 18.50
C ARG B 114 -16.78 -17.66 17.83
N ALA B 115 -16.55 -17.36 16.56
CA ALA B 115 -15.55 -18.15 15.82
C ALA B 115 -14.16 -17.96 16.41
N LEU B 116 -13.85 -16.71 16.82
CA LEU B 116 -12.53 -16.41 17.32
C LEU B 116 -12.31 -17.24 18.56
N ALA B 117 -13.32 -17.19 19.43
CA ALA B 117 -13.34 -17.94 20.72
C ALA B 117 -13.19 -19.43 20.45
N GLU B 118 -13.75 -19.93 19.36
CA GLU B 118 -13.50 -21.34 19.14
C GLU B 118 -12.25 -21.74 18.46
N VAL B 119 -11.72 -20.97 17.50
CA VAL B 119 -10.60 -21.56 16.77
C VAL B 119 -9.30 -20.75 16.81
N ALA B 120 -9.32 -19.49 17.32
CA ALA B 120 -8.10 -18.72 17.21
C ALA B 120 -7.14 -19.00 18.38
N LYS B 121 -5.90 -18.50 18.36
CA LYS B 121 -5.01 -18.53 19.56
C LYS B 121 -5.74 -17.88 20.72
N LYS B 122 -5.48 -18.37 21.93
CA LYS B 122 -6.15 -17.76 23.06
C LYS B 122 -5.77 -16.34 23.35
N ASP B 123 -4.57 -15.96 22.92
CA ASP B 123 -4.21 -14.56 23.12
C ASP B 123 -4.21 -13.74 21.77
N VAL B 124 -5.14 -14.12 20.87
CA VAL B 124 -5.32 -13.48 19.56
C VAL B 124 -5.52 -12.02 19.82
N LYS B 125 -4.83 -11.16 19.07
CA LYS B 125 -5.07 -9.72 19.21
C LYS B 125 -6.04 -9.25 18.09
N VAL B 126 -7.08 -8.53 18.47
CA VAL B 126 -8.18 -8.19 17.54
C VAL B 126 -8.30 -6.74 17.35
N LEU B 127 -8.36 -6.32 16.06
CA LEU B 127 -8.63 -4.91 15.79
C LEU B 127 -9.94 -4.83 15.00
N VAL B 128 -10.93 -4.05 15.44
CA VAL B 128 -12.18 -3.82 14.69
C VAL B 128 -12.07 -2.44 14.04
N VAL B 129 -12.17 -2.47 12.72
CA VAL B 129 -12.15 -1.30 11.83
C VAL B 129 -13.60 -1.03 11.30
N GLY B 130 -14.31 -2.08 10.93
CA GLY B 130 -15.66 -1.96 10.40
C GLY B 130 -16.56 -1.15 11.28
N ASN B 131 -17.31 -0.25 10.71
CA ASN B 131 -18.14 0.63 11.55
C ASN B 131 -19.51 0.08 11.95
N PRO B 132 -20.09 0.47 13.08
CA PRO B 132 -19.50 1.35 14.05
C PRO B 132 -18.54 0.53 14.97
N ALA B 133 -17.24 0.87 14.89
CA ALA B 133 -16.10 0.08 15.38
C ALA B 133 -16.21 -0.15 16.86
N ASN B 134 -16.45 0.91 17.59
CA ASN B 134 -16.51 0.73 19.07
C ASN B 134 -17.58 -0.28 19.52
N THR B 135 -18.81 -0.14 18.97
CA THR B 135 -19.94 -0.99 19.34
C THR B 135 -19.77 -2.34 18.72
N ASN B 136 -19.15 -2.41 17.51
CA ASN B 136 -18.93 -3.74 16.99
C ASN B 136 -17.90 -4.52 17.81
N ALA B 137 -16.85 -3.83 18.33
CA ALA B 137 -15.86 -4.49 19.19
C ALA B 137 -16.55 -4.92 20.49
N LEU B 138 -17.48 -4.14 20.99
CA LEU B 138 -18.28 -4.54 22.18
C LEU B 138 -19.06 -5.84 21.95
N ILE B 139 -19.76 -5.89 20.81
CA ILE B 139 -20.52 -7.09 20.48
C ILE B 139 -19.61 -8.29 20.27
N ALA B 140 -18.50 -8.14 19.57
CA ALA B 140 -17.64 -9.31 19.41
C ALA B 140 -17.09 -9.85 20.77
N TYR B 141 -16.55 -8.98 21.66
CA TYR B 141 -15.90 -9.46 22.88
C TYR B 141 -16.95 -10.07 23.76
N LYS B 142 -18.11 -9.48 23.76
CA LYS B 142 -19.13 -10.12 24.56
C LYS B 142 -19.61 -11.45 24.03
N ASN B 143 -19.26 -11.82 22.82
CA ASN B 143 -19.67 -13.11 22.27
C ASN B 143 -18.49 -14.00 22.12
N ALA B 144 -17.38 -13.67 22.80
CA ALA B 144 -16.13 -14.44 22.67
C ALA B 144 -15.69 -14.98 24.02
N PRO B 145 -16.59 -15.80 24.54
CA PRO B 145 -16.45 -16.47 25.82
C PRO B 145 -15.08 -17.13 25.90
N GLY B 146 -14.30 -16.77 26.89
CA GLY B 146 -13.08 -17.54 26.86
C GLY B 146 -11.92 -16.72 26.40
N LEU B 147 -12.21 -15.56 25.80
CA LEU B 147 -11.10 -14.69 25.42
C LEU B 147 -11.05 -13.47 26.33
N ASN B 148 -9.84 -12.91 26.55
CA ASN B 148 -9.79 -11.71 27.38
C ASN B 148 -10.42 -10.54 26.61
N PRO B 149 -11.32 -9.80 27.20
CA PRO B 149 -11.89 -8.65 26.55
C PRO B 149 -10.86 -7.62 26.17
N ARG B 150 -9.77 -7.47 26.91
CA ARG B 150 -8.79 -6.47 26.51
C ARG B 150 -8.00 -6.79 25.23
N ASN B 151 -8.17 -7.99 24.67
CA ASN B 151 -7.62 -8.28 23.36
C ASN B 151 -8.46 -7.78 22.17
N PHE B 152 -9.59 -7.16 22.48
CA PHE B 152 -10.52 -6.58 21.51
C PHE B 152 -10.42 -5.08 21.54
N THR B 153 -9.97 -4.52 20.43
CA THR B 153 -9.83 -3.07 20.33
C THR B 153 -10.49 -2.55 19.02
N ALA B 154 -10.70 -1.23 19.01
CA ALA B 154 -11.32 -0.60 17.84
C ALA B 154 -10.46 0.58 17.43
N MET B 155 -10.49 0.92 16.14
CA MET B 155 -9.57 1.91 15.66
C MET B 155 -10.03 3.34 15.80
N THR B 156 -9.21 4.19 16.44
CA THR B 156 -9.29 5.62 16.37
C THR B 156 -7.95 6.21 15.78
N ARG B 157 -7.03 5.30 15.35
CA ARG B 157 -5.73 5.73 14.91
C ARG B 157 -5.88 6.66 13.68
N LEU B 158 -6.91 6.52 12.82
CA LEU B 158 -7.01 7.45 11.64
C LEU B 158 -7.27 8.88 12.11
N ASP B 159 -8.21 9.05 13.09
CA ASP B 159 -8.47 10.36 13.63
C ASP B 159 -7.23 10.93 14.35
N HIS B 160 -6.52 10.05 15.07
CA HIS B 160 -5.28 10.49 15.74
C HIS B 160 -4.31 11.06 14.70
N ASN B 161 -4.02 10.32 13.63
CA ASN B 161 -3.06 10.72 12.59
C ASN B 161 -3.49 11.99 11.81
N ARG B 162 -4.77 12.12 11.51
CA ARG B 162 -5.32 13.37 10.96
C ARG B 162 -5.08 14.57 11.87
N ALA B 163 -5.28 14.39 13.19
CA ALA B 163 -5.09 15.49 14.12
C ALA B 163 -3.61 15.88 14.18
N LYS B 164 -2.70 14.88 14.18
CA LYS B 164 -1.28 15.19 14.19
C LYS B 164 -0.92 15.92 12.90
N ALA B 165 -1.43 15.48 11.72
CA ALA B 165 -1.18 16.16 10.43
C ALA B 165 -1.65 17.61 10.46
N GLN B 166 -2.82 17.89 11.04
CA GLN B 166 -3.24 19.30 11.05
C GLN B 166 -2.38 20.16 11.94
N LEU B 167 -2.02 19.63 13.11
CA LEU B 167 -1.17 20.40 14.04
C LEU B 167 0.18 20.65 13.41
N ALA B 168 0.72 19.64 12.75
CA ALA B 168 2.01 19.85 12.11
C ALA B 168 1.90 21.01 11.09
N LYS B 169 0.82 21.04 10.28
CA LYS B 169 0.67 22.08 9.24
C LYS B 169 0.58 23.45 9.86
N LYS B 170 -0.34 23.56 10.82
CA LYS B 170 -0.49 24.79 11.56
C LYS B 170 0.80 25.30 12.17
N THR B 171 1.65 24.49 12.76
CA THR B 171 2.75 25.06 13.53
C THR B 171 4.01 25.00 12.71
N GLY B 172 3.82 24.58 11.47
CA GLY B 172 4.90 24.42 10.54
C GLY B 172 6.06 23.54 10.96
N THR B 173 5.84 22.50 11.76
CA THR B 173 6.91 21.58 12.18
C THR B 173 6.65 20.19 11.62
N GLY B 174 7.68 19.38 11.42
CA GLY B 174 7.50 18.02 10.93
C GLY B 174 6.61 17.19 11.86
N VAL B 175 5.84 16.33 11.22
CA VAL B 175 4.87 15.51 11.90
C VAL B 175 5.61 14.60 12.89
N ASP B 176 6.88 14.28 12.59
CA ASP B 176 7.69 13.40 13.46
C ASP B 176 8.07 14.01 14.80
N ARG B 177 7.83 15.29 14.96
CA ARG B 177 8.13 16.01 16.17
C ARG B 177 6.83 16.35 16.95
N ILE B 178 5.65 15.86 16.56
CA ILE B 178 4.44 16.04 17.38
C ILE B 178 4.33 14.83 18.27
N ARG B 179 4.03 15.00 19.53
CA ARG B 179 3.93 13.84 20.42
C ARG B 179 2.74 13.99 21.34
N ARG B 180 2.29 12.88 21.94
CA ARG B 180 1.25 12.87 22.94
C ARG B 180 -0.06 13.38 22.43
N MET B 181 -0.39 13.00 21.20
CA MET B 181 -1.72 13.35 20.70
C MET B 181 -2.64 12.33 21.34
N THR B 182 -3.91 12.74 21.60
CA THR B 182 -4.95 11.86 22.07
C THR B 182 -6.22 12.21 21.36
N VAL B 183 -6.91 11.14 20.97
CA VAL B 183 -8.32 11.20 20.54
C VAL B 183 -9.16 10.36 21.51
N TRP B 184 -10.10 11.04 22.19
CA TRP B 184 -10.90 10.35 23.19
C TRP B 184 -12.25 9.97 22.63
N GLY B 185 -12.84 8.89 23.05
CA GLY B 185 -14.22 8.58 22.66
C GLY B 185 -14.31 7.67 21.48
N ASN B 186 -14.85 8.12 20.32
CA ASN B 186 -14.76 7.18 19.19
C ASN B 186 -14.68 7.83 17.84
N HIS B 187 -14.68 6.97 16.81
CA HIS B 187 -14.47 7.43 15.45
C HIS B 187 -15.79 7.98 15.01
N SER B 188 -16.12 9.22 15.39
CA SER B 188 -17.42 9.73 15.07
C SER B 188 -17.33 11.21 14.91
N SER B 189 -18.45 11.86 14.64
CA SER B 189 -18.41 13.31 14.50
C SER B 189 -18.12 13.94 15.85
N ILE B 190 -18.33 13.20 16.93
CA ILE B 190 -18.12 13.86 18.18
C ILE B 190 -16.80 13.50 18.83
N MET B 191 -15.87 12.85 18.13
CA MET B 191 -14.59 12.51 18.77
C MET B 191 -13.90 13.75 19.32
N PHE B 192 -12.99 13.63 20.28
CA PHE B 192 -12.45 14.86 20.84
C PHE B 192 -10.93 14.80 20.68
N PRO B 193 -10.27 15.52 19.77
CA PRO B 193 -8.82 15.38 19.69
C PRO B 193 -8.27 16.30 20.75
N ASP B 194 -7.39 15.81 21.60
CA ASP B 194 -7.02 16.60 22.74
C ASP B 194 -5.64 17.22 22.54
N LEU B 195 -5.61 18.54 22.60
CA LEU B 195 -4.36 19.26 22.51
C LEU B 195 -3.82 19.69 23.86
N PHE B 196 -4.57 19.57 24.95
CA PHE B 196 -4.04 19.96 26.28
C PHE B 196 -2.78 19.22 26.71
N HIS B 197 -2.58 17.99 26.27
CA HIS B 197 -1.37 17.29 26.66
C HIS B 197 -0.46 17.12 25.50
N ALA B 198 -0.79 17.63 24.33
CA ALA B 198 0.14 17.35 23.24
C ALA B 198 1.37 18.26 23.31
N GLU B 199 2.50 17.83 22.71
CA GLU B 199 3.70 18.67 22.60
C GLU B 199 4.21 18.78 21.17
N VAL B 200 4.71 19.94 20.81
CA VAL B 200 5.23 20.18 19.49
C VAL B 200 6.68 20.47 19.67
N ASP B 201 7.52 19.55 19.30
CA ASP B 201 8.94 19.74 19.54
C ASP B 201 9.26 19.97 21.01
N GLY B 202 8.62 19.35 21.96
CA GLY B 202 9.04 19.66 23.31
C GLY B 202 8.22 20.76 23.97
N ARG B 203 7.62 21.65 23.20
CA ARG B 203 6.81 22.70 23.75
C ARG B 203 5.35 22.30 23.81
N PRO B 204 4.60 22.83 24.74
CA PRO B 204 3.20 22.51 24.82
C PRO B 204 2.47 23.02 23.62
N ALA B 205 1.55 22.21 23.10
CA ALA B 205 0.80 22.60 21.92
C ALA B 205 0.12 23.92 22.17
N LEU B 206 -0.50 24.08 23.34
CA LEU B 206 -1.24 25.31 23.52
C LEU B 206 -0.41 26.58 23.76
N GLU B 207 0.90 26.52 23.62
CA GLU B 207 1.76 27.71 23.68
C GLU B 207 2.07 28.18 22.27
N LEU B 208 1.81 27.31 21.33
CA LEU B 208 2.02 27.62 19.94
C LEU B 208 0.73 27.94 19.18
N VAL B 209 -0.43 27.56 19.67
CA VAL B 209 -1.66 27.87 18.98
C VAL B 209 -2.63 28.26 20.07
N ASP B 210 -3.64 29.06 19.76
CA ASP B 210 -4.63 29.57 20.74
C ASP B 210 -5.91 28.76 20.82
N MET B 211 -6.74 29.01 21.81
CA MET B 211 -7.96 28.24 21.96
C MET B 211 -8.95 28.53 20.88
N GLU B 212 -8.92 29.75 20.36
CA GLU B 212 -9.92 30.07 19.38
C GLU B 212 -9.70 29.17 18.19
N TRP B 213 -8.45 29.14 17.75
CA TRP B 213 -8.11 28.32 16.60
C TRP B 213 -8.46 26.89 16.90
N TYR B 214 -8.16 26.51 18.14
CA TYR B 214 -8.31 25.11 18.51
C TYR B 214 -9.76 24.68 18.41
N GLU B 215 -10.58 25.51 19.02
CA GLU B 215 -11.97 25.17 19.09
C GLU B 215 -12.79 25.48 17.83
N LYS B 216 -12.43 26.45 17.01
CA LYS B 216 -13.36 26.70 15.91
C LYS B 216 -12.77 26.36 14.58
N VAL B 217 -11.44 26.14 14.54
CA VAL B 217 -10.74 25.71 13.32
C VAL B 217 -10.31 24.26 13.32
N PHE B 218 -9.48 23.86 14.32
CA PHE B 218 -8.88 22.55 14.38
C PHE B 218 -9.89 21.44 14.63
N ILE B 219 -10.73 21.62 15.65
CA ILE B 219 -11.67 20.56 15.90
C ILE B 219 -12.60 20.18 14.73
N PRO B 220 -13.31 21.16 14.14
CA PRO B 220 -14.20 20.91 12.99
C PRO B 220 -13.44 20.41 11.76
N THR B 221 -12.21 20.89 11.54
CA THR B 221 -11.52 20.39 10.36
C THR B 221 -11.15 18.95 10.52
N VAL B 222 -10.81 18.46 11.73
CA VAL B 222 -10.45 17.04 11.87
C VAL B 222 -11.72 16.24 11.73
N ALA B 223 -12.80 16.78 12.36
CA ALA B 223 -14.08 16.03 12.24
C ALA B 223 -14.61 15.95 10.83
N GLN B 224 -14.35 16.96 9.99
CA GLN B 224 -14.80 16.92 8.59
C GLN B 224 -13.86 16.23 7.56
N ARG B 225 -12.62 15.90 7.94
CA ARG B 225 -11.59 15.41 7.04
C ARG B 225 -12.04 14.31 6.09
N GLY B 226 -12.79 13.33 6.62
CA GLY B 226 -13.21 12.15 5.85
C GLY B 226 -14.15 12.66 4.74
N ALA B 227 -15.01 13.65 5.01
CA ALA B 227 -15.95 14.19 4.04
C ALA B 227 -15.21 14.97 2.99
N ALA B 228 -14.16 15.68 3.44
CA ALA B 228 -13.33 16.40 2.47
C ALA B 228 -12.68 15.51 1.43
N ILE B 229 -12.19 14.33 1.88
CA ILE B 229 -11.54 13.39 0.99
C ILE B 229 -12.58 12.93 -0.01
N ILE B 230 -13.75 12.51 0.47
CA ILE B 230 -14.81 11.96 -0.39
C ILE B 230 -15.22 13.02 -1.44
N GLN B 231 -15.44 14.26 -1.03
CA GLN B 231 -15.70 15.29 -1.98
C GLN B 231 -14.58 15.46 -2.98
N ALA B 232 -13.34 15.37 -2.57
CA ALA B 232 -12.28 15.54 -3.55
C ALA B 232 -12.07 14.33 -4.48
N ARG B 233 -12.07 13.10 -3.97
CA ARG B 233 -11.70 11.96 -4.76
C ARG B 233 -12.93 11.29 -5.24
N GLY B 234 -14.06 11.61 -4.65
CA GLY B 234 -15.17 10.78 -5.05
C GLY B 234 -15.14 9.39 -4.50
N ALA B 235 -14.27 9.10 -3.55
CA ALA B 235 -14.26 7.79 -2.87
C ALA B 235 -13.70 8.00 -1.46
N SER B 236 -13.90 7.03 -0.60
CA SER B 236 -13.53 7.23 0.78
C SER B 236 -12.01 7.00 1.01
N SER B 237 -11.49 7.34 2.18
CA SER B 237 -10.05 7.34 2.38
C SER B 237 -9.47 6.00 2.80
N ALA B 238 -9.37 5.08 1.89
CA ALA B 238 -8.97 3.75 2.16
C ALA B 238 -7.52 3.64 2.41
N ALA B 239 -6.64 4.19 1.60
CA ALA B 239 -5.20 4.03 1.86
C ALA B 239 -4.74 4.56 3.23
N SER B 240 -5.31 5.70 3.59
CA SER B 240 -4.99 6.36 4.84
C SER B 240 -5.61 5.60 5.98
N ALA B 241 -6.73 4.95 5.78
CA ALA B 241 -7.29 4.09 6.83
C ALA B 241 -6.52 2.79 6.96
N ALA B 242 -6.09 2.21 5.83
CA ALA B 242 -5.28 1.01 5.94
C ALA B 242 -3.98 1.33 6.70
N ASN B 243 -3.41 2.47 6.39
CA ASN B 243 -2.16 2.90 7.07
C ASN B 243 -2.37 3.00 8.59
N ALA B 244 -3.49 3.57 9.04
CA ALA B 244 -3.83 3.67 10.49
C ALA B 244 -4.02 2.31 11.12
N ALA B 245 -4.60 1.39 10.34
CA ALA B 245 -4.77 0.03 10.82
C ALA B 245 -3.48 -0.66 11.11
N ILE B 246 -2.59 -0.53 10.15
CA ILE B 246 -1.24 -1.08 10.28
C ILE B 246 -0.53 -0.48 11.50
N GLU B 247 -0.66 0.82 11.66
CA GLU B 247 0.02 1.48 12.78
C GLU B 247 -0.56 1.03 14.07
N HIS B 248 -1.86 0.84 14.12
CA HIS B 248 -2.49 0.46 15.40
C HIS B 248 -1.96 -0.90 15.89
N ILE B 249 -1.86 -1.82 14.94
CA ILE B 249 -1.33 -3.15 15.22
C ILE B 249 0.16 -3.10 15.52
N ARG B 250 0.93 -2.39 14.70
CA ARG B 250 2.38 -2.33 14.88
C ARG B 250 2.78 -1.80 16.27
N ASP B 251 2.16 -0.71 16.68
CA ASP B 251 2.50 -0.06 17.93
C ASP B 251 2.09 -0.85 19.15
N TRP B 252 1.02 -1.62 18.99
CA TRP B 252 0.56 -2.56 20.00
C TRP B 252 1.53 -3.75 20.17
N ALA B 253 1.94 -4.37 19.08
CA ALA B 253 2.83 -5.54 19.07
C ALA B 253 4.25 -5.15 19.28
N LEU B 254 4.78 -4.09 18.67
CA LEU B 254 6.17 -3.77 18.77
C LEU B 254 6.45 -2.74 19.84
N GLY B 255 5.44 -2.03 20.36
CA GLY B 255 5.57 -1.04 21.42
C GLY B 255 5.60 0.43 21.00
N THR B 256 5.18 1.29 21.91
CA THR B 256 5.14 2.68 21.55
C THR B 256 6.45 3.38 21.87
N PRO B 257 6.71 4.55 21.32
CA PRO B 257 7.99 5.21 21.61
C PRO B 257 8.11 5.74 23.04
N GLU B 258 9.33 5.80 23.54
CA GLU B 258 9.53 6.29 24.90
C GLU B 258 9.01 7.69 24.99
N GLY B 259 8.35 8.04 26.09
CA GLY B 259 7.85 9.41 26.20
C GLY B 259 6.60 9.75 25.35
N ASP B 260 6.03 8.78 24.68
CA ASP B 260 4.88 9.08 23.82
C ASP B 260 3.79 8.09 24.15
N TRP B 261 2.65 8.33 23.55
CA TRP B 261 1.53 7.39 23.61
C TRP B 261 0.70 7.47 22.31
N VAL B 262 -0.22 6.53 22.13
CA VAL B 262 -1.11 6.53 20.93
C VAL B 262 -2.56 6.44 21.32
N SER B 263 -3.53 6.59 20.38
CA SER B 263 -4.93 6.46 20.74
C SER B 263 -5.41 5.13 20.32
N MET B 264 -6.07 4.44 21.28
CA MET B 264 -6.64 3.12 21.02
C MET B 264 -7.98 3.03 21.71
N ALA B 265 -9.00 2.48 21.08
CA ALA B 265 -10.29 2.28 21.74
C ALA B 265 -10.31 0.88 22.30
N VAL B 266 -10.44 0.82 23.65
CA VAL B 266 -10.34 -0.45 24.35
C VAL B 266 -11.47 -0.49 25.41
N PRO B 267 -11.75 -1.70 25.91
CA PRO B 267 -12.78 -1.84 26.95
C PRO B 267 -12.41 -1.12 28.21
N SER B 268 -13.29 -0.23 28.62
CA SER B 268 -13.05 0.61 29.76
C SER B 268 -13.05 -0.21 31.08
N GLN B 269 -12.07 0.07 31.97
CA GLN B 269 -12.01 -0.49 33.37
C GLN B 269 -12.24 0.64 34.39
N GLY B 270 -12.92 1.70 33.93
CA GLY B 270 -13.36 2.82 34.71
C GLY B 270 -12.32 3.90 34.74
N GLU B 271 -11.31 3.80 33.86
CA GLU B 271 -10.31 4.88 33.85
C GLU B 271 -10.93 6.21 33.50
N TYR B 272 -10.48 7.27 34.15
CA TYR B 272 -11.02 8.63 34.02
C TYR B 272 -12.51 8.67 34.30
N GLY B 273 -13.05 7.65 34.95
CA GLY B 273 -14.43 7.68 35.31
C GLY B 273 -15.34 7.19 34.20
N ILE B 274 -14.78 6.73 33.08
CA ILE B 274 -15.60 6.32 31.93
C ILE B 274 -16.26 5.03 32.32
N PRO B 275 -17.52 4.83 31.98
CA PRO B 275 -18.18 3.63 32.39
C PRO B 275 -17.52 2.33 32.02
N GLU B 276 -17.58 1.34 32.90
CA GLU B 276 -16.97 0.05 32.62
C GLU B 276 -17.62 -0.67 31.46
N GLY B 277 -16.80 -1.38 30.68
CA GLY B 277 -17.37 -2.21 29.63
C GLY B 277 -17.40 -1.63 28.22
N ILE B 278 -17.73 -0.34 28.12
CA ILE B 278 -17.76 0.21 26.80
C ILE B 278 -16.36 0.30 26.23
N VAL B 279 -16.27 0.22 24.89
CA VAL B 279 -15.03 0.38 24.13
C VAL B 279 -14.84 1.86 23.83
N TYR B 280 -13.79 2.46 24.38
CA TYR B 280 -13.61 3.88 24.46
C TYR B 280 -12.15 4.19 24.17
N SER B 281 -11.93 5.26 23.40
CA SER B 281 -10.59 5.60 22.99
C SER B 281 -9.90 6.36 24.08
N PHE B 282 -8.72 5.89 24.51
CA PHE B 282 -7.94 6.51 25.60
C PHE B 282 -6.48 6.74 25.11
N PRO B 283 -5.68 7.57 25.83
CA PRO B 283 -4.23 7.61 25.56
C PRO B 283 -3.66 6.31 26.10
N VAL B 284 -2.82 5.62 25.35
CA VAL B 284 -2.38 4.32 25.79
C VAL B 284 -0.87 4.12 25.47
N THR B 285 -0.10 3.40 26.31
CA THR B 285 1.23 2.98 25.93
C THR B 285 1.18 1.48 25.75
N ALA B 286 2.13 0.95 24.96
CA ALA B 286 2.18 -0.49 24.77
C ALA B 286 3.61 -0.96 24.84
N LYS B 287 3.75 -2.23 25.17
CA LYS B 287 5.07 -2.83 25.20
C LYS B 287 4.87 -4.31 25.06
N ASP B 288 5.33 -4.87 23.97
CA ASP B 288 5.28 -6.32 23.74
C ASP B 288 3.92 -6.94 23.81
N GLY B 289 2.94 -6.39 23.14
CA GLY B 289 1.66 -7.11 22.99
C GLY B 289 0.69 -6.72 24.03
N ALA B 290 1.16 -5.89 24.98
CA ALA B 290 0.23 -5.40 26.00
C ALA B 290 0.20 -3.89 26.08
N TYR B 291 -0.97 -3.33 26.40
CA TYR B 291 -1.02 -1.91 26.56
C TYR B 291 -1.64 -1.54 27.91
N ARG B 292 -1.49 -0.27 28.30
CA ARG B 292 -2.08 0.24 29.51
C ARG B 292 -2.57 1.62 29.19
N VAL B 293 -3.72 2.00 29.75
CA VAL B 293 -4.19 3.36 29.65
C VAL B 293 -3.31 4.31 30.41
N VAL B 294 -2.98 5.46 29.88
CA VAL B 294 -2.16 6.46 30.53
C VAL B 294 -3.03 7.15 31.51
N GLU B 295 -2.80 6.93 32.80
CA GLU B 295 -3.56 7.61 33.84
C GLU B 295 -2.82 8.77 34.52
N GLY B 296 -3.62 9.63 35.12
CA GLY B 296 -3.13 10.78 35.83
C GLY B 296 -3.21 12.06 35.11
N LEU B 297 -3.77 12.09 33.89
CA LEU B 297 -3.74 13.34 33.18
C LEU B 297 -4.78 14.22 33.81
N GLU B 298 -4.51 15.51 33.81
CA GLU B 298 -5.48 16.44 34.35
C GLU B 298 -6.55 16.81 33.34
N ILE B 299 -7.80 16.57 33.67
CA ILE B 299 -8.86 16.84 32.72
C ILE B 299 -9.49 18.18 33.07
N ASN B 300 -9.42 19.20 32.24
CA ASN B 300 -10.19 20.40 32.51
C ASN B 300 -11.68 20.32 32.10
N GLU B 301 -12.42 21.37 32.32
CA GLU B 301 -13.82 21.29 32.06
C GLU B 301 -14.14 21.17 30.57
N PHE B 302 -13.29 21.79 29.76
CA PHE B 302 -13.45 21.76 28.30
C PHE B 302 -13.37 20.31 27.91
N ALA B 303 -12.30 19.66 28.40
CA ALA B 303 -12.10 18.23 28.15
C ALA B 303 -13.25 17.36 28.62
N ARG B 304 -13.58 17.47 29.92
CA ARG B 304 -14.58 16.62 30.52
C ARG B 304 -15.92 16.60 29.79
N LYS B 305 -16.35 17.80 29.37
CA LYS B 305 -17.61 18.02 28.67
C LYS B 305 -17.63 17.12 27.46
N ARG B 306 -16.55 17.28 26.67
CA ARG B 306 -16.45 16.52 25.44
C ARG B 306 -16.27 15.03 25.63
N MET B 307 -15.47 14.63 26.61
CA MET B 307 -15.29 13.21 26.91
C MET B 307 -16.62 12.54 27.28
N GLU B 308 -17.42 13.26 28.06
CA GLU B 308 -18.68 12.75 28.59
C GLU B 308 -19.76 12.54 27.51
N ILE B 309 -19.84 13.54 26.61
CA ILE B 309 -20.76 13.44 25.51
C ILE B 309 -20.47 12.16 24.77
N THR B 310 -19.19 11.94 24.52
CA THR B 310 -18.88 10.76 23.77
C THR B 310 -19.15 9.44 24.55
N ALA B 311 -18.97 9.47 25.88
CA ALA B 311 -19.26 8.29 26.70
C ALA B 311 -20.77 8.01 26.62
N GLN B 312 -21.53 9.08 26.73
CA GLN B 312 -22.98 8.89 26.69
C GLN B 312 -23.46 8.28 25.38
N GLU B 313 -22.95 8.79 24.25
CA GLU B 313 -23.33 8.21 22.94
C GLU B 313 -23.02 6.75 22.87
N LEU B 314 -21.83 6.38 23.36
CA LEU B 314 -21.52 4.95 23.37
C LEU B 314 -22.41 4.15 24.36
N LEU B 315 -22.77 4.80 25.48
CA LEU B 315 -23.60 4.07 26.46
C LEU B 315 -24.96 3.83 25.82
N ASP B 316 -25.50 4.86 25.16
CA ASP B 316 -26.78 4.62 24.47
C ASP B 316 -26.79 3.45 23.47
N GLU B 317 -25.85 3.43 22.49
CA GLU B 317 -25.76 2.34 21.51
C GLU B 317 -25.60 1.03 22.22
N MET B 318 -24.89 1.08 23.33
CA MET B 318 -24.80 -0.17 24.06
C MET B 318 -26.20 -0.54 24.53
N GLU B 319 -26.95 0.49 24.96
CA GLU B 319 -28.34 0.23 25.38
C GLU B 319 -29.10 -0.42 24.26
N GLN B 320 -29.03 0.19 23.07
CA GLN B 320 -29.75 -0.42 21.98
C GLN B 320 -29.39 -1.88 21.71
N VAL B 321 -28.09 -2.17 21.69
CA VAL B 321 -27.79 -3.51 21.35
C VAL B 321 -28.23 -4.50 22.41
N LYS B 322 -28.26 -4.05 23.67
CA LYS B 322 -28.71 -4.94 24.74
C LYS B 322 -30.18 -5.24 24.49
N ALA B 323 -30.94 -4.17 24.30
CA ALA B 323 -32.34 -4.24 23.99
C ALA B 323 -32.59 -5.20 22.84
N LEU B 324 -31.67 -5.26 21.86
CA LEU B 324 -31.84 -6.27 20.82
C LEU B 324 -31.35 -7.64 21.26
N GLY B 325 -31.15 -7.83 22.56
CA GLY B 325 -30.62 -9.10 23.05
C GLY B 325 -29.35 -9.57 22.29
N LEU B 326 -28.46 -8.68 21.82
CA LEU B 326 -27.18 -9.01 21.11
C LEU B 326 -25.99 -9.28 22.06
N ILE B 327 -26.19 -8.69 23.20
CA ILE B 327 -25.34 -8.84 24.36
C ILE B 327 -26.29 -8.84 25.56
#